data_4MO2
#
_entry.id   4MO2
#
_cell.length_a   48.420
_cell.length_b   116.150
_cell.length_c   165.240
_cell.angle_alpha   90.000
_cell.angle_beta   90.000
_cell.angle_gamma   90.000
#
_symmetry.space_group_name_H-M   'P 21 21 21'
#
loop_
_entity.id
_entity.type
_entity.pdbx_description
1 polymer 'UDP-galactopyranose mutase'
2 non-polymer 'SULFATE ION'
3 non-polymer 'DIHYDROFLAVINE-ADENINE DINUCLEOTIDE'
4 non-polymer GLYCEROL
5 non-polymer 'AMMONIUM ION'
6 non-polymer 'FLAVIN-ADENINE DINUCLEOTIDE'
7 water water
#
_entity_poly.entity_id   1
_entity_poly.type   'polypeptide(L)'
_entity_poly.pdbx_seq_one_letter_code
;MYDYLIVGSGLFGSIFAYEATEKGYTCLVVEQREHIGGNCYTENIKNINVHKYGAHIFRTSDQNIWDYMNQFCEFNHFIN
SPIAIYKDEIYNLPFNMNTFSKLWGIKTPNEARKIIEMQKQIIQHPPKNLEEQAISLVGTDVYEKLIKGYTEKQWGRSCK
DLPASIIRRLPVRYIYDNNYFNDPYQGIPKGGYTAIFDKMLKKSKVILNTDFLKYKDKFKNKAKKIVFTGCIDAYYDYRY
GALEYRSLKFEHKILNLDNFQGVAVVNYTDKEIPYTRIIEHKHFEFGNTDTTVISEEYPLEWIKGIEPYYPINDEKNQAL
YEKYKQLAKHESNVYFGGRLGEYRYYDMQDVVRSALLFCKNELKNKQG
;
_entity_poly.pdbx_strand_id   B,A
#
# COMPACT_ATOMS: atom_id res chain seq x y z
N MET A 1 -21.10 31.95 -32.37
CA MET A 1 -21.91 31.09 -31.52
C MET A 1 -21.27 29.71 -31.37
N TYR A 2 -21.30 29.18 -30.16
CA TYR A 2 -20.68 27.88 -29.88
C TYR A 2 -21.73 26.77 -29.86
N ASP A 3 -21.26 25.53 -29.99
CA ASP A 3 -22.14 24.38 -29.81
C ASP A 3 -22.54 24.27 -28.34
N TYR A 4 -21.56 24.41 -27.46
CA TYR A 4 -21.81 24.29 -26.02
C TYR A 4 -21.20 25.43 -25.22
N LEU A 5 -21.98 25.92 -24.26
CA LEU A 5 -21.44 26.80 -23.22
C LEU A 5 -21.32 25.99 -21.95
N ILE A 6 -20.12 25.91 -21.40
CA ILE A 6 -19.87 25.15 -20.19
C ILE A 6 -19.51 26.07 -19.03
N VAL A 7 -20.36 26.08 -18.01
CA VAL A 7 -20.10 26.90 -16.83
C VAL A 7 -19.39 26.07 -15.78
N GLY A 8 -18.13 26.40 -15.53
CA GLY A 8 -17.32 25.67 -14.57
C GLY A 8 -16.29 24.81 -15.25
N SER A 9 -15.05 24.90 -14.78
CA SER A 9 -13.96 24.13 -15.36
C SER A 9 -13.47 23.05 -14.41
N GLY A 10 -14.38 22.51 -13.60
CA GLY A 10 -14.06 21.41 -12.72
C GLY A 10 -14.06 20.10 -13.47
N LEU A 11 -14.03 18.99 -12.74
CA LEU A 11 -13.94 17.67 -13.35
C LEU A 11 -15.09 17.38 -14.33
N PHE A 12 -16.31 17.76 -13.97
CA PHE A 12 -17.46 17.49 -14.84
C PHE A 12 -17.40 18.32 -16.11
N GLY A 13 -17.20 19.62 -15.96
CA GLY A 13 -17.17 20.52 -17.10
C GLY A 13 -16.00 20.24 -18.04
N SER A 14 -14.85 19.93 -17.47
CA SER A 14 -13.65 19.70 -18.27
C SER A 14 -13.70 18.39 -19.05
N ILE A 15 -14.26 17.35 -18.44
CA ILE A 15 -14.40 16.07 -19.13
C ILE A 15 -15.37 16.20 -20.30
N PHE A 16 -16.48 16.90 -20.08
CA PHE A 16 -17.44 17.15 -21.16
C PHE A 16 -16.82 18.00 -22.25
N ALA A 17 -16.10 19.04 -21.85
CA ALA A 17 -15.40 19.93 -22.78
C ALA A 17 -14.44 19.13 -23.65
N TYR A 18 -13.67 18.25 -23.01
CA TYR A 18 -12.72 17.43 -23.74
C TYR A 18 -13.42 16.51 -24.73
N GLU A 19 -14.42 15.77 -24.25
CA GLU A 19 -15.13 14.81 -25.09
C GLU A 19 -15.85 15.48 -26.25
N ALA A 20 -16.41 16.66 -26.00
CA ALA A 20 -17.16 17.38 -27.03
C ALA A 20 -16.24 17.92 -28.12
N THR A 21 -15.13 18.52 -27.71
CA THR A 21 -14.18 19.09 -28.66
C THR A 21 -13.43 18.02 -29.45
N GLU A 22 -13.29 16.84 -28.85
CA GLU A 22 -12.67 15.72 -29.56
C GLU A 22 -13.56 15.22 -30.69
N LYS A 23 -14.86 15.45 -30.55
CA LYS A 23 -15.83 15.05 -31.57
C LYS A 23 -16.16 16.20 -32.51
N GLY A 24 -15.45 17.30 -32.38
CA GLY A 24 -15.56 18.41 -33.32
C GLY A 24 -16.47 19.55 -32.90
N TYR A 25 -17.09 19.43 -31.73
CA TYR A 25 -17.95 20.49 -31.22
C TYR A 25 -17.14 21.64 -30.63
N THR A 26 -17.66 22.86 -30.76
CA THR A 26 -16.99 24.02 -30.20
C THR A 26 -17.50 24.29 -28.79
N CYS A 27 -16.59 24.59 -27.88
CA CYS A 27 -16.96 24.80 -26.48
C CYS A 27 -16.41 26.10 -25.90
N LEU A 28 -17.28 26.84 -25.24
CA LEU A 28 -16.88 28.01 -24.48
C LEU A 28 -17.02 27.67 -23.00
N VAL A 29 -15.90 27.72 -22.27
CA VAL A 29 -15.92 27.42 -20.84
C VAL A 29 -15.80 28.70 -20.02
N VAL A 30 -16.80 28.95 -19.19
CA VAL A 30 -16.80 30.14 -18.34
C VAL A 30 -16.56 29.77 -16.89
N GLU A 31 -15.52 30.36 -16.31
CA GLU A 31 -15.07 30.03 -14.97
C GLU A 31 -14.93 31.28 -14.11
N GLN A 32 -15.48 31.24 -12.89
CA GLN A 32 -15.48 32.40 -12.01
C GLN A 32 -14.15 32.60 -11.26
N ARG A 33 -13.45 31.51 -11.02
CA ARG A 33 -12.15 31.58 -10.33
C ARG A 33 -11.05 32.04 -11.28
N GLU A 34 -9.88 32.34 -10.73
CA GLU A 34 -8.76 32.80 -11.54
C GLU A 34 -7.95 31.64 -12.12
N HIS A 35 -8.47 30.44 -11.96
CA HIS A 35 -7.80 29.24 -12.47
C HIS A 35 -8.82 28.14 -12.78
N ILE A 36 -8.38 27.13 -13.51
CA ILE A 36 -9.25 26.00 -13.86
C ILE A 36 -9.14 24.88 -12.84
N GLY A 37 -9.93 23.83 -13.03
CA GLY A 37 -9.79 22.62 -12.23
C GLY A 37 -10.80 22.41 -11.14
N GLY A 38 -11.57 23.45 -10.82
CA GLY A 38 -12.53 23.36 -9.73
C GLY A 38 -11.86 23.05 -8.41
N ASN A 39 -12.50 22.22 -7.59
CA ASN A 39 -11.95 21.88 -6.29
C ASN A 39 -10.81 20.87 -6.34
N CYS A 40 -10.52 20.36 -7.54
CA CYS A 40 -9.40 19.43 -7.71
C CYS A 40 -8.13 20.20 -8.04
N TYR A 41 -8.24 21.51 -8.17
CA TYR A 41 -7.13 22.37 -8.57
C TYR A 41 -5.91 22.25 -7.66
N THR A 42 -4.75 22.03 -8.25
CA THR A 42 -3.50 22.05 -7.52
C THR A 42 -2.62 23.20 -7.98
N GLU A 43 -1.97 23.85 -7.03
CA GLU A 43 -1.06 24.96 -7.34
C GLU A 43 0.36 24.57 -6.95
N ASN A 44 1.30 24.80 -7.86
CA ASN A 44 2.69 24.54 -7.57
C ASN A 44 3.26 25.65 -6.67
N ILE A 45 3.59 25.27 -5.43
CA ILE A 45 4.15 26.22 -4.48
C ILE A 45 5.43 25.64 -3.90
N LYS A 46 6.54 26.34 -4.11
CA LYS A 46 7.86 25.87 -3.68
C LYS A 46 8.11 24.45 -4.18
N ASN A 47 7.83 24.22 -5.45
CA ASN A 47 8.01 22.92 -6.11
C ASN A 47 7.14 21.80 -5.54
N ILE A 48 6.05 22.18 -4.88
CA ILE A 48 5.11 21.21 -4.34
C ILE A 48 3.71 21.45 -4.91
N ASN A 49 3.09 20.39 -5.42
CA ASN A 49 1.72 20.47 -5.91
C ASN A 49 0.73 20.49 -4.76
N VAL A 50 0.20 21.68 -4.47
CA VAL A 50 -0.65 21.89 -3.30
C VAL A 50 -2.14 21.74 -3.61
N HIS A 51 -2.79 20.82 -2.91
CA HIS A 51 -4.23 20.61 -3.07
C HIS A 51 -4.99 21.74 -2.37
N LYS A 52 -5.25 22.81 -3.12
CA LYS A 52 -5.76 24.06 -2.56
C LYS A 52 -7.10 23.95 -1.84
N TYR A 53 -7.96 23.05 -2.29
CA TYR A 53 -9.30 22.94 -1.73
C TYR A 53 -9.50 21.65 -0.96
N GLY A 54 -8.42 21.16 -0.36
CA GLY A 54 -8.47 19.94 0.44
C GLY A 54 -7.79 18.77 -0.24
N ALA A 55 -7.40 17.79 0.57
CA ALA A 55 -6.75 16.59 0.07
C ALA A 55 -7.61 15.87 -0.98
N HIS A 56 -7.02 15.62 -2.14
CA HIS A 56 -7.72 14.90 -3.20
C HIS A 56 -6.96 13.65 -3.61
N ILE A 57 -7.43 12.51 -3.12
CA ILE A 57 -6.83 11.22 -3.44
C ILE A 57 -7.77 10.45 -4.35
N PHE A 58 -7.30 10.15 -5.56
CA PHE A 58 -8.14 9.44 -6.52
C PHE A 58 -8.18 7.95 -6.22
N ARG A 59 -9.36 7.38 -6.29
CA ARG A 59 -9.52 5.94 -6.11
CA ARG A 59 -9.55 5.95 -6.06
C ARG A 59 -10.79 5.44 -6.79
N THR A 60 -10.74 4.20 -7.24
CA THR A 60 -11.87 3.58 -7.92
C THR A 60 -11.72 2.07 -7.98
N SER A 61 -12.85 1.38 -8.17
CA SER A 61 -12.84 -0.06 -8.38
C SER A 61 -13.15 -0.35 -9.84
N ASP A 62 -13.34 0.72 -10.60
CA ASP A 62 -13.70 0.64 -12.01
C ASP A 62 -12.45 0.83 -12.88
N GLN A 63 -12.04 -0.23 -13.56
CA GLN A 63 -10.84 -0.17 -14.39
C GLN A 63 -11.01 0.77 -15.59
N ASN A 64 -12.23 0.88 -16.10
CA ASN A 64 -12.52 1.78 -17.21
C ASN A 64 -12.31 3.24 -16.81
N ILE A 65 -12.72 3.58 -15.60
CA ILE A 65 -12.55 4.93 -15.07
C ILE A 65 -11.07 5.22 -14.84
N TRP A 66 -10.37 4.25 -14.25
CA TRP A 66 -8.94 4.36 -14.02
C TRP A 66 -8.18 4.52 -15.33
N ASP A 67 -8.53 3.71 -16.32
CA ASP A 67 -7.91 3.79 -17.64
C ASP A 67 -8.19 5.13 -18.32
N TYR A 68 -9.38 5.69 -18.07
CA TYR A 68 -9.76 6.96 -18.66
C TYR A 68 -8.86 8.09 -18.17
N MET A 69 -8.71 8.19 -16.86
CA MET A 69 -7.89 9.24 -16.26
C MET A 69 -6.42 9.08 -16.62
N ASN A 70 -6.00 7.85 -16.86
CA ASN A 70 -4.61 7.58 -17.25
C ASN A 70 -4.25 8.09 -18.64
N GLN A 71 -5.26 8.53 -19.39
CA GLN A 71 -5.02 9.17 -20.68
C GLN A 71 -4.36 10.54 -20.49
N PHE A 72 -4.61 11.14 -19.33
CA PHE A 72 -4.21 12.52 -19.08
C PHE A 72 -3.04 12.61 -18.12
N CYS A 73 -2.71 11.50 -17.46
CA CYS A 73 -1.66 11.50 -16.46
C CYS A 73 -1.17 10.10 -16.14
N GLU A 74 -0.13 10.04 -15.32
CA GLU A 74 0.30 8.79 -14.71
C GLU A 74 0.12 8.94 -13.21
N PHE A 75 -0.47 7.92 -12.58
CA PHE A 75 -0.68 7.94 -11.14
C PHE A 75 0.48 7.30 -10.41
N ASN A 76 0.90 7.88 -9.29
CA ASN A 76 1.89 7.24 -8.44
C ASN A 76 1.24 6.16 -7.58
N HIS A 77 1.98 5.64 -6.61
CA HIS A 77 1.47 4.58 -5.76
C HIS A 77 1.16 5.08 -4.35
N PHE A 78 0.68 6.31 -4.24
CA PHE A 78 0.34 6.86 -2.94
C PHE A 78 -0.77 6.06 -2.27
N ILE A 79 -0.56 5.71 -1.01
CA ILE A 79 -1.57 5.04 -0.22
C ILE A 79 -1.96 5.94 0.94
N ASN A 80 -3.24 6.28 1.01
CA ASN A 80 -3.73 7.12 2.11
C ASN A 80 -3.80 6.32 3.41
N SER A 81 -3.00 6.73 4.38
CA SER A 81 -3.03 6.12 5.70
C SER A 81 -3.02 7.23 6.75
N PRO A 82 -4.15 7.92 6.92
CA PRO A 82 -4.22 9.10 7.79
C PRO A 82 -3.93 8.79 9.25
N ILE A 83 -3.48 9.82 9.96
CA ILE A 83 -3.18 9.72 11.38
C ILE A 83 -4.20 10.59 12.13
N ALA A 84 -4.64 10.13 13.29
CA ALA A 84 -5.55 10.91 14.12
C ALA A 84 -4.90 11.29 15.44
N ILE A 85 -4.84 12.59 15.72
CA ILE A 85 -4.31 13.08 16.98
C ILE A 85 -5.45 13.52 17.90
N TYR A 86 -5.49 12.94 19.10
CA TYR A 86 -6.48 13.31 20.10
C TYR A 86 -5.76 13.72 21.37
N LYS A 87 -5.76 15.02 21.65
CA LYS A 87 -5.03 15.58 22.78
C LYS A 87 -3.56 15.17 22.73
N ASP A 88 -3.12 14.39 23.71
CA ASP A 88 -1.73 13.95 23.76
C ASP A 88 -1.58 12.53 23.21
N GLU A 89 -2.62 12.03 22.56
CA GLU A 89 -2.62 10.66 22.04
C GLU A 89 -2.63 10.65 20.51
N ILE A 90 -2.13 9.55 19.94
CA ILE A 90 -2.04 9.43 18.49
C ILE A 90 -2.47 8.03 18.03
N TYR A 91 -3.28 7.99 16.99
CA TYR A 91 -3.86 6.73 16.51
C TYR A 91 -3.82 6.61 14.99
N ASN A 92 -3.87 5.39 14.49
CA ASN A 92 -3.97 5.15 13.07
C ASN A 92 -5.42 5.09 12.60
N LEU A 93 -5.67 5.70 11.44
CA LEU A 93 -6.90 5.49 10.71
C LEU A 93 -6.59 4.58 9.54
N PRO A 94 -7.59 3.87 9.00
CA PRO A 94 -8.97 3.78 9.48
C PRO A 94 -9.03 2.86 10.68
N PHE A 95 -10.23 2.58 11.18
CA PHE A 95 -10.37 1.74 12.37
C PHE A 95 -9.90 0.32 12.08
N ASN A 96 -8.66 0.03 12.47
CA ASN A 96 -8.08 -1.30 12.29
C ASN A 96 -7.34 -1.77 13.54
N MET A 97 -6.64 -2.90 13.44
CA MET A 97 -5.95 -3.45 14.60
C MET A 97 -4.86 -2.53 15.16
N ASN A 98 -4.24 -1.74 14.29
CA ASN A 98 -3.28 -0.73 14.74
C ASN A 98 -3.97 0.27 15.67
N THR A 99 -5.21 0.61 15.33
CA THR A 99 -6.01 1.52 16.15
C THR A 99 -6.36 0.86 17.48
N PHE A 100 -6.79 -0.39 17.41
CA PHE A 100 -7.34 -1.10 18.56
C PHE A 100 -6.27 -1.52 19.56
N SER A 101 -5.09 -1.90 19.07
CA SER A 101 -3.99 -2.28 19.94
C SER A 101 -3.53 -1.08 20.75
N LYS A 102 -3.55 0.10 20.13
CA LYS A 102 -3.12 1.32 20.79
C LYS A 102 -4.15 1.76 21.83
N LEU A 103 -5.42 1.68 21.45
CA LEU A 103 -6.51 2.09 22.33
C LEU A 103 -6.57 1.29 23.63
N TRP A 104 -6.49 -0.03 23.51
CA TRP A 104 -6.80 -0.90 24.64
C TRP A 104 -5.63 -1.77 25.12
N GLY A 105 -4.52 -1.73 24.40
CA GLY A 105 -3.35 -2.50 24.79
C GLY A 105 -3.57 -4.00 24.60
N ILE A 106 -4.33 -4.34 23.56
CA ILE A 106 -4.56 -5.74 23.21
C ILE A 106 -3.72 -6.10 21.98
N LYS A 107 -3.84 -7.34 21.51
CA LYS A 107 -3.00 -7.80 20.41
C LYS A 107 -3.72 -8.61 19.34
N THR A 108 -4.66 -9.46 19.76
CA THR A 108 -5.34 -10.36 18.82
C THR A 108 -6.66 -9.77 18.31
N PRO A 109 -7.07 -10.17 17.10
CA PRO A 109 -8.37 -9.79 16.53
C PRO A 109 -9.53 -10.12 17.46
N ASN A 110 -9.47 -11.27 18.13
CA ASN A 110 -10.51 -11.65 19.07
C ASN A 110 -10.61 -10.71 20.26
N GLU A 111 -9.45 -10.25 20.73
CA GLU A 111 -9.41 -9.30 21.83
C GLU A 111 -10.07 -7.98 21.45
N ALA A 112 -9.76 -7.49 20.25
CA ALA A 112 -10.32 -6.24 19.76
C ALA A 112 -11.82 -6.36 19.54
N ARG A 113 -12.24 -7.45 18.90
CA ARG A 113 -13.65 -7.68 18.59
C ARG A 113 -14.50 -7.76 19.86
N LYS A 114 -13.97 -8.42 20.88
CA LYS A 114 -14.68 -8.57 22.15
C LYS A 114 -14.97 -7.21 22.78
N ILE A 115 -13.99 -6.32 22.72
CA ILE A 115 -14.13 -4.99 23.30
C ILE A 115 -15.08 -4.10 22.48
N ILE A 116 -14.91 -4.12 21.16
CA ILE A 116 -15.80 -3.38 20.27
C ILE A 116 -17.25 -3.78 20.48
N GLU A 117 -17.50 -5.08 20.48
CA GLU A 117 -18.87 -5.60 20.62
C GLU A 117 -19.49 -5.29 21.98
N MET A 118 -18.71 -5.44 23.05
CA MET A 118 -19.23 -5.16 24.39
C MET A 118 -19.54 -3.67 24.59
N GLN A 119 -18.78 -2.82 23.92
CA GLN A 119 -18.98 -1.37 24.03
C GLN A 119 -20.14 -0.90 23.15
N LYS A 120 -20.28 -1.50 21.97
CA LYS A 120 -21.40 -1.20 21.09
C LYS A 120 -22.73 -1.55 21.76
N GLN A 121 -22.70 -2.61 22.56
CA GLN A 121 -23.93 -3.18 23.12
C GLN A 121 -24.50 -2.44 24.33
N ILE A 122 -23.83 -1.37 24.75
CA ILE A 122 -24.37 -0.57 25.84
C ILE A 122 -25.61 0.20 25.39
N ILE A 123 -25.73 0.37 24.07
CA ILE A 123 -26.92 0.96 23.48
C ILE A 123 -27.95 -0.14 23.21
N GLN A 124 -29.02 -0.16 24.01
CA GLN A 124 -30.02 -1.22 23.94
C GLN A 124 -31.34 -0.75 23.35
N HIS A 125 -31.35 0.46 22.83
CA HIS A 125 -32.54 1.00 22.18
C HIS A 125 -32.09 1.77 20.94
N PRO A 126 -32.97 1.92 19.94
CA PRO A 126 -32.63 2.70 18.75
C PRO A 126 -32.13 4.11 19.10
N PRO A 127 -30.97 4.48 18.56
CA PRO A 127 -30.31 5.77 18.84
C PRO A 127 -31.25 6.96 18.64
N LYS A 128 -31.25 7.86 19.63
CA LYS A 128 -32.09 9.06 19.57
C LYS A 128 -31.31 10.23 19.01
N ASN A 129 -29.99 10.07 18.88
CA ASN A 129 -29.13 11.13 18.38
C ASN A 129 -27.84 10.56 17.80
N LEU A 130 -26.95 11.43 17.35
CA LEU A 130 -25.72 10.99 16.68
C LEU A 130 -24.73 10.34 17.65
N GLU A 131 -24.70 10.82 18.89
CA GLU A 131 -23.82 10.24 19.90
C GLU A 131 -24.17 8.77 20.14
N GLU A 132 -25.44 8.50 20.41
CA GLU A 132 -25.90 7.14 20.63
C GLU A 132 -25.70 6.29 19.37
N GLN A 133 -25.82 6.93 18.21
CA GLN A 133 -25.65 6.25 16.93
C GLN A 133 -24.21 5.78 16.75
N ALA A 134 -23.27 6.68 16.95
CA ALA A 134 -21.85 6.36 16.79
C ALA A 134 -21.42 5.30 17.81
N ILE A 135 -21.88 5.46 19.05
CA ILE A 135 -21.57 4.49 20.11
C ILE A 135 -22.12 3.11 19.77
N SER A 136 -23.33 3.07 19.21
CA SER A 136 -23.95 1.80 18.82
C SER A 136 -23.16 1.12 17.70
N LEU A 137 -22.36 1.91 16.99
CA LEU A 137 -21.59 1.40 15.85
C LEU A 137 -20.17 0.95 16.20
N VAL A 138 -19.50 1.70 17.06
CA VAL A 138 -18.10 1.41 17.36
C VAL A 138 -17.75 1.44 18.85
N GLY A 139 -18.73 1.71 19.70
CA GLY A 139 -18.48 1.76 21.14
C GLY A 139 -17.99 3.12 21.60
N THR A 140 -17.96 3.29 22.93
CA THR A 140 -17.65 4.60 23.53
C THR A 140 -16.23 5.08 23.28
N ASP A 141 -15.24 4.20 23.46
CA ASP A 141 -13.83 4.59 23.35
C ASP A 141 -13.46 5.14 21.98
N VAL A 142 -13.87 4.43 20.92
CA VAL A 142 -13.59 4.87 19.57
C VAL A 142 -14.33 6.19 19.28
N TYR A 143 -15.57 6.28 19.74
CA TYR A 143 -16.38 7.48 19.56
C TYR A 143 -15.74 8.71 20.20
N GLU A 144 -15.42 8.60 21.49
CA GLU A 144 -14.91 9.74 22.25
C GLU A 144 -13.56 10.24 21.75
N LYS A 145 -12.67 9.32 21.35
CA LYS A 145 -11.32 9.68 20.96
C LYS A 145 -11.16 10.01 19.47
N LEU A 146 -11.99 9.41 18.62
CA LEU A 146 -11.77 9.49 17.19
C LEU A 146 -12.92 10.09 16.38
N ILE A 147 -14.09 10.23 16.99
CA ILE A 147 -15.27 10.68 16.26
C ILE A 147 -15.91 11.94 16.85
N LYS A 148 -16.17 11.90 18.15
CA LYS A 148 -16.95 12.94 18.84
C LYS A 148 -16.51 14.38 18.57
N GLY A 149 -15.27 14.72 18.94
CA GLY A 149 -14.78 16.07 18.79
C GLY A 149 -14.64 16.51 17.35
N TYR A 150 -14.27 15.58 16.48
CA TYR A 150 -14.12 15.85 15.06
C TYR A 150 -15.46 16.21 14.44
N THR A 151 -16.49 15.44 14.79
CA THR A 151 -17.83 15.63 14.26
C THR A 151 -18.46 16.93 14.76
N GLU A 152 -18.24 17.23 16.03
CA GLU A 152 -18.82 18.43 16.63
C GLU A 152 -18.21 19.71 16.03
N LYS A 153 -16.97 19.61 15.57
CA LYS A 153 -16.35 20.73 14.86
C LYS A 153 -16.94 20.89 13.46
N GLN A 154 -17.09 19.77 12.76
CA GLN A 154 -17.65 19.77 11.40
C GLN A 154 -19.05 20.35 11.34
N TRP A 155 -19.82 20.13 12.40
CA TRP A 155 -21.24 20.52 12.41
C TRP A 155 -21.54 21.71 13.31
N GLY A 156 -20.60 22.05 14.18
CA GLY A 156 -20.75 23.21 15.03
C GLY A 156 -21.71 23.01 16.19
N ARG A 157 -21.99 21.76 16.53
CA ARG A 157 -22.80 21.46 17.71
C ARG A 157 -22.57 20.06 18.27
N SER A 158 -23.03 19.83 19.49
CA SER A 158 -22.86 18.55 20.18
C SER A 158 -23.51 17.41 19.41
N CYS A 159 -22.89 16.23 19.47
CA CYS A 159 -23.42 15.05 18.79
C CYS A 159 -24.78 14.65 19.35
N LYS A 160 -25.04 15.00 20.61
CA LYS A 160 -26.33 14.77 21.22
C LYS A 160 -27.41 15.69 20.64
N ASP A 161 -26.98 16.76 19.99
CA ASP A 161 -27.90 17.69 19.34
C ASP A 161 -28.03 17.38 17.85
N LEU A 162 -27.35 16.33 17.40
CA LEU A 162 -27.35 15.97 15.99
C LEU A 162 -28.17 14.70 15.74
N PRO A 163 -28.78 14.58 14.55
CA PRO A 163 -29.57 13.39 14.21
C PRO A 163 -28.68 12.19 13.91
N ALA A 164 -29.21 10.99 14.14
CA ALA A 164 -28.46 9.76 13.95
C ALA A 164 -28.14 9.49 12.49
N SER A 165 -28.88 10.14 11.59
CA SER A 165 -28.75 9.89 10.16
C SER A 165 -27.41 10.33 9.58
N ILE A 166 -26.72 11.24 10.28
CA ILE A 166 -25.46 11.79 9.80
C ILE A 166 -24.37 10.73 9.64
N ILE A 167 -24.40 9.71 10.49
CA ILE A 167 -23.48 8.58 10.36
C ILE A 167 -24.24 7.28 10.21
N ARG A 168 -24.14 6.68 9.02
CA ARG A 168 -24.85 5.45 8.71
C ARG A 168 -24.04 4.22 9.07
N ARG A 169 -22.75 4.24 8.71
CA ARG A 169 -21.86 3.12 8.94
C ARG A 169 -20.49 3.60 9.41
N LEU A 170 -19.82 2.76 10.20
CA LEU A 170 -18.45 3.02 10.59
C LEU A 170 -17.67 1.72 10.52
N PRO A 171 -17.08 1.43 9.35
CA PRO A 171 -16.39 0.16 9.09
C PRO A 171 -15.24 -0.10 10.05
N VAL A 172 -15.14 -1.35 10.47
CA VAL A 172 -14.06 -1.80 11.35
C VAL A 172 -13.41 -3.02 10.69
N ARG A 173 -12.08 -3.06 10.70
CA ARG A 173 -11.38 -4.25 10.20
C ARG A 173 -10.43 -4.80 11.25
N TYR A 174 -10.47 -6.11 11.44
CA TYR A 174 -9.64 -6.75 12.45
C TYR A 174 -8.36 -7.29 11.84
N ILE A 175 -7.70 -6.43 11.07
CA ILE A 175 -6.41 -6.70 10.44
C ILE A 175 -5.49 -5.51 10.76
N TYR A 176 -4.20 -5.78 10.94
CA TYR A 176 -3.22 -4.71 11.05
C TYR A 176 -2.94 -4.15 9.66
N ASP A 177 -3.71 -3.13 9.27
CA ASP A 177 -3.65 -2.58 7.92
C ASP A 177 -4.17 -1.15 7.96
N ASN A 178 -3.30 -0.19 7.62
CA ASN A 178 -3.65 1.22 7.67
C ASN A 178 -4.13 1.79 6.33
N ASN A 179 -4.41 0.91 5.38
CA ASN A 179 -4.93 1.35 4.09
C ASN A 179 -6.35 1.90 4.25
N TYR A 180 -6.48 3.21 4.05
CA TYR A 180 -7.75 3.89 4.27
C TYR A 180 -8.83 3.48 3.26
N PHE A 181 -8.43 3.33 2.00
CA PHE A 181 -9.36 2.93 0.94
C PHE A 181 -9.13 1.47 0.53
N ASN A 182 -10.23 0.74 0.32
CA ASN A 182 -10.15 -0.66 -0.06
C ASN A 182 -10.02 -0.87 -1.57
N ASP A 183 -10.10 0.22 -2.33
CA ASP A 183 -10.12 0.16 -3.78
C ASP A 183 -8.82 -0.39 -4.36
N PRO A 184 -8.93 -1.18 -5.44
CA PRO A 184 -7.76 -1.76 -6.12
C PRO A 184 -6.93 -0.70 -6.85
N TYR A 185 -7.59 0.37 -7.30
CA TYR A 185 -6.89 1.45 -7.99
C TYR A 185 -6.89 2.71 -7.14
N GLN A 186 -5.70 3.19 -6.76
CA GLN A 186 -5.57 4.39 -5.96
C GLN A 186 -4.26 5.10 -6.28
N GLY A 187 -4.26 6.43 -6.22
CA GLY A 187 -3.03 7.18 -6.42
C GLY A 187 -3.19 8.68 -6.59
N ILE A 188 -2.07 9.34 -6.80
CA ILE A 188 -2.03 10.78 -7.03
C ILE A 188 -1.41 11.03 -8.40
N PRO A 189 -2.03 11.91 -9.20
CA PRO A 189 -1.44 12.22 -10.51
C PRO A 189 -0.07 12.85 -10.36
N LYS A 190 0.93 12.27 -11.02
CA LYS A 190 2.27 12.83 -11.03
C LYS A 190 2.24 14.15 -11.78
N GLY A 191 2.66 15.23 -11.12
CA GLY A 191 2.65 16.55 -11.73
C GLY A 191 1.45 17.37 -11.32
N GLY A 192 0.55 16.78 -10.53
CA GLY A 192 -0.62 17.50 -10.04
C GLY A 192 -1.86 17.32 -10.89
N TYR A 193 -2.99 17.73 -10.36
CA TYR A 193 -4.27 17.59 -11.04
C TYR A 193 -4.47 18.64 -12.15
N THR A 194 -3.98 19.84 -11.92
CA THR A 194 -4.21 20.97 -12.84
C THR A 194 -3.76 20.66 -14.27
N ALA A 195 -2.65 19.94 -14.40
CA ALA A 195 -2.12 19.56 -15.71
C ALA A 195 -3.10 18.70 -16.50
N ILE A 196 -3.91 17.92 -15.78
CA ILE A 196 -4.95 17.12 -16.41
C ILE A 196 -5.99 18.02 -17.07
N PHE A 197 -6.38 19.07 -16.35
CA PHE A 197 -7.38 20.01 -16.85
C PHE A 197 -6.86 20.83 -18.02
N ASP A 198 -5.57 21.12 -18.02
CA ASP A 198 -4.92 21.80 -19.15
C ASP A 198 -5.12 20.99 -20.42
N LYS A 199 -4.92 19.69 -20.31
CA LYS A 199 -5.07 18.79 -21.45
C LYS A 199 -6.52 18.68 -21.91
N MET A 200 -7.43 18.57 -20.95
CA MET A 200 -8.85 18.45 -21.25
C MET A 200 -9.41 19.69 -21.93
N LEU A 201 -8.91 20.85 -21.53
CA LEU A 201 -9.46 22.13 -21.99
C LEU A 201 -8.67 22.75 -23.13
N LYS A 202 -7.70 22.02 -23.66
CA LYS A 202 -6.80 22.57 -24.68
C LYS A 202 -7.52 23.08 -25.93
N LYS A 203 -8.57 22.37 -26.35
CA LYS A 203 -9.29 22.74 -27.57
C LYS A 203 -10.52 23.59 -27.29
N SER A 204 -10.68 24.02 -26.05
CA SER A 204 -11.82 24.86 -25.68
C SER A 204 -11.40 26.31 -25.48
N LYS A 205 -12.36 27.22 -25.63
CA LYS A 205 -12.13 28.62 -25.28
C LYS A 205 -12.47 28.78 -23.81
N VAL A 206 -11.47 29.12 -23.00
CA VAL A 206 -11.67 29.25 -21.56
C VAL A 206 -11.59 30.70 -21.10
N ILE A 207 -12.65 31.16 -20.45
CA ILE A 207 -12.69 32.50 -19.89
C ILE A 207 -12.68 32.43 -18.37
N LEU A 208 -11.69 33.08 -17.75
CA LEU A 208 -11.53 33.05 -16.30
C LEU A 208 -12.05 34.31 -15.65
N ASN A 209 -12.11 34.31 -14.32
CA ASN A 209 -12.54 35.46 -13.54
C ASN A 209 -13.90 36.01 -13.96
N THR A 210 -14.79 35.11 -14.37
CA THR A 210 -16.09 35.53 -14.87
C THR A 210 -17.24 34.73 -14.25
N ASP A 211 -18.08 35.44 -13.50
CA ASP A 211 -19.28 34.85 -12.94
C ASP A 211 -20.35 34.82 -14.02
N PHE A 212 -20.68 33.63 -14.49
CA PHE A 212 -21.70 33.44 -15.53
C PHE A 212 -23.00 34.14 -15.18
N LEU A 213 -23.38 34.07 -13.90
CA LEU A 213 -24.65 34.61 -13.43
C LEU A 213 -24.75 36.12 -13.53
N LYS A 214 -23.61 36.81 -13.48
CA LYS A 214 -23.59 38.25 -13.65
C LYS A 214 -23.76 38.65 -15.12
N TYR A 215 -23.61 37.66 -16.00
CA TYR A 215 -23.76 37.89 -17.45
C TYR A 215 -24.66 36.82 -18.05
N LYS A 216 -25.69 36.41 -17.31
CA LYS A 216 -26.48 35.24 -17.68
C LYS A 216 -27.01 35.24 -19.11
N ASP A 217 -27.78 36.28 -19.46
CA ASP A 217 -28.37 36.37 -20.79
C ASP A 217 -27.33 36.46 -21.90
N LYS A 218 -26.27 37.23 -21.65
CA LYS A 218 -25.20 37.40 -22.62
C LYS A 218 -24.56 36.08 -23.02
N PHE A 219 -24.30 35.23 -22.02
CA PHE A 219 -23.62 33.97 -22.27
C PHE A 219 -24.52 32.86 -22.81
N LYS A 220 -25.77 32.85 -22.36
CA LYS A 220 -26.75 31.88 -22.86
C LYS A 220 -26.91 32.02 -24.37
N ASN A 221 -26.89 33.26 -24.84
CA ASN A 221 -27.05 33.55 -26.27
C ASN A 221 -25.84 33.17 -27.12
N LYS A 222 -24.73 32.82 -26.46
CA LYS A 222 -23.49 32.50 -27.18
C LYS A 222 -23.39 31.03 -27.56
N ALA A 223 -24.33 30.21 -27.11
CA ALA A 223 -24.28 28.79 -27.41
C ALA A 223 -25.67 28.18 -27.58
N LYS A 224 -25.71 27.05 -28.27
CA LYS A 224 -26.97 26.34 -28.52
C LYS A 224 -27.39 25.54 -27.28
N LYS A 225 -26.41 24.99 -26.58
CA LYS A 225 -26.68 24.20 -25.37
C LYS A 225 -25.78 24.62 -24.22
N ILE A 226 -26.30 24.51 -23.00
CA ILE A 226 -25.56 24.91 -21.82
C ILE A 226 -25.39 23.78 -20.82
N VAL A 227 -24.15 23.52 -20.42
CA VAL A 227 -23.86 22.58 -19.36
C VAL A 227 -23.39 23.34 -18.13
N PHE A 228 -24.26 23.43 -17.12
CA PHE A 228 -24.00 24.22 -15.93
C PHE A 228 -23.53 23.33 -14.79
N THR A 229 -22.31 23.56 -14.32
CA THR A 229 -21.77 22.77 -13.21
C THR A 229 -21.60 23.60 -11.94
N GLY A 230 -22.25 24.75 -11.90
CA GLY A 230 -22.34 25.56 -10.70
C GLY A 230 -23.57 25.15 -9.91
N CYS A 231 -23.90 25.93 -8.88
CA CYS A 231 -25.04 25.62 -8.03
C CYS A 231 -26.36 25.81 -8.78
N ILE A 232 -27.18 24.76 -8.83
CA ILE A 232 -28.45 24.81 -9.55
C ILE A 232 -29.39 25.87 -8.97
N ASP A 233 -29.38 26.03 -7.65
CA ASP A 233 -30.22 27.03 -7.01
C ASP A 233 -29.76 28.45 -7.36
N ALA A 234 -28.45 28.63 -7.49
CA ALA A 234 -27.90 29.92 -7.89
C ALA A 234 -28.29 30.29 -9.31
N TYR A 235 -28.35 29.29 -10.18
CA TYR A 235 -28.76 29.51 -11.57
C TYR A 235 -30.17 30.08 -11.62
N TYR A 236 -31.03 29.58 -10.72
CA TYR A 236 -32.41 30.03 -10.66
C TYR A 236 -32.62 31.10 -9.59
N ASP A 237 -31.59 31.93 -9.41
CA ASP A 237 -31.65 33.11 -8.55
C ASP A 237 -32.02 32.82 -7.09
N TYR A 238 -31.80 31.58 -6.65
CA TYR A 238 -32.17 31.16 -5.30
C TYR A 238 -33.63 31.43 -4.99
N ARG A 239 -34.49 31.37 -6.01
CA ARG A 239 -35.88 31.79 -5.90
C ARG A 239 -36.67 31.01 -4.84
N TYR A 240 -36.30 29.77 -4.62
CA TYR A 240 -36.98 28.92 -3.64
C TYR A 240 -36.19 28.86 -2.34
N GLY A 241 -35.02 29.51 -2.33
CA GLY A 241 -34.13 29.45 -1.19
C GLY A 241 -32.83 28.75 -1.56
N ALA A 242 -31.82 28.90 -0.72
CA ALA A 242 -30.51 28.32 -0.99
C ALA A 242 -30.39 26.91 -0.40
N LEU A 243 -29.94 25.97 -1.23
CA LEU A 243 -29.66 24.61 -0.77
C LEU A 243 -28.53 24.66 0.24
N GLU A 244 -28.75 24.02 1.39
CA GLU A 244 -27.84 24.15 2.52
C GLU A 244 -26.56 23.32 2.38
N TYR A 245 -25.45 23.91 2.80
CA TYR A 245 -24.14 23.27 2.74
C TYR A 245 -23.40 23.45 4.06
N ARG A 246 -22.33 22.68 4.23
CA ARG A 246 -21.33 22.97 5.23
C ARG A 246 -20.11 23.51 4.50
N SER A 247 -19.35 24.39 5.13
CA SER A 247 -18.20 24.98 4.46
C SER A 247 -16.89 24.73 5.19
N LEU A 248 -15.80 25.10 4.53
CA LEU A 248 -14.46 24.95 5.08
C LEU A 248 -13.62 26.17 4.75
N LYS A 249 -12.55 26.37 5.51
CA LYS A 249 -11.58 27.41 5.24
C LYS A 249 -10.19 26.82 5.40
N PHE A 250 -9.35 27.00 4.40
CA PHE A 250 -7.98 26.49 4.47
C PHE A 250 -6.96 27.60 4.69
N GLU A 251 -6.06 27.38 5.63
CA GLU A 251 -4.95 28.28 5.85
C GLU A 251 -3.67 27.61 5.40
N HIS A 252 -3.11 28.08 4.30
CA HIS A 252 -1.90 27.48 3.73
C HIS A 252 -0.65 28.14 4.29
N LYS A 253 0.31 27.32 4.69
CA LYS A 253 1.54 27.83 5.29
C LYS A 253 2.78 27.21 4.66
N ILE A 254 3.73 28.06 4.30
CA ILE A 254 5.05 27.59 3.85
C ILE A 254 5.99 27.54 5.05
N LEU A 255 6.49 26.36 5.36
CA LEU A 255 7.34 26.18 6.53
C LEU A 255 8.80 25.91 6.15
N ASN A 256 9.72 26.41 6.97
CA ASN A 256 11.14 26.25 6.72
C ASN A 256 11.70 24.97 7.31
N LEU A 257 11.08 23.84 6.93
CA LEU A 257 11.55 22.52 7.33
C LEU A 257 11.10 21.48 6.31
N ASP A 258 11.77 20.34 6.26
CA ASP A 258 11.55 19.38 5.19
C ASP A 258 10.35 18.45 5.43
N ASN A 259 9.93 18.32 6.67
CA ASN A 259 8.92 17.32 7.03
C ASN A 259 8.16 17.69 8.31
N PHE A 260 6.94 18.18 8.14
CA PHE A 260 6.16 18.71 9.27
C PHE A 260 5.50 17.64 10.15
N GLN A 261 4.80 16.71 9.53
CA GLN A 261 4.02 15.73 10.29
C GLN A 261 4.28 14.27 9.88
N GLY A 262 5.03 14.06 8.82
CA GLY A 262 5.42 12.73 8.41
C GLY A 262 4.33 11.91 7.75
N VAL A 263 3.25 12.58 7.34
CA VAL A 263 2.15 11.93 6.65
C VAL A 263 1.30 13.01 5.98
N ALA A 264 0.64 12.66 4.88
CA ALA A 264 -0.14 13.64 4.14
C ALA A 264 -1.31 14.21 4.94
N VAL A 265 -2.03 13.35 5.65
CA VAL A 265 -3.26 13.76 6.31
C VAL A 265 -3.26 13.43 7.81
N VAL A 266 -3.46 14.45 8.63
CA VAL A 266 -3.63 14.26 10.07
C VAL A 266 -4.97 14.82 10.54
N ASN A 267 -5.82 13.95 11.09
CA ASN A 267 -7.07 14.40 11.69
C ASN A 267 -6.85 14.81 13.15
N TYR A 268 -7.39 15.96 13.54
CA TYR A 268 -7.39 16.37 14.93
C TYR A 268 -8.79 16.20 15.50
N THR A 269 -8.93 15.24 16.42
CA THR A 269 -10.25 14.82 16.88
C THR A 269 -10.64 15.42 18.22
N ASP A 270 -9.79 16.29 18.76
CA ASP A 270 -10.14 17.02 19.98
C ASP A 270 -10.90 18.29 19.60
N LYS A 271 -12.05 18.48 20.23
CA LYS A 271 -12.91 19.63 19.95
C LYS A 271 -12.21 20.97 20.20
N GLU A 272 -11.28 20.97 21.15
CA GLU A 272 -10.60 22.19 21.56
C GLU A 272 -9.56 22.68 20.55
N ILE A 273 -9.16 21.79 19.65
CA ILE A 273 -8.28 22.16 18.54
C ILE A 273 -9.14 22.65 17.38
N PRO A 274 -8.95 23.91 16.96
CA PRO A 274 -9.89 24.54 16.01
C PRO A 274 -9.92 23.91 14.62
N TYR A 275 -8.78 23.43 14.12
CA TYR A 275 -8.76 22.77 12.81
C TYR A 275 -9.16 21.30 12.91
N THR A 276 -9.78 20.79 11.87
CA THR A 276 -10.17 19.38 11.81
C THR A 276 -9.03 18.54 11.27
N ARG A 277 -8.27 19.11 10.33
CA ARG A 277 -7.17 18.40 9.69
C ARG A 277 -6.00 19.31 9.37
N ILE A 278 -4.83 18.71 9.23
CA ILE A 278 -3.68 19.39 8.64
C ILE A 278 -3.17 18.55 7.48
N ILE A 279 -3.05 19.17 6.32
CA ILE A 279 -2.58 18.48 5.12
C ILE A 279 -1.15 18.88 4.81
N GLU A 280 -0.26 17.90 4.73
CA GLU A 280 1.10 18.16 4.27
C GLU A 280 1.28 17.63 2.86
N HIS A 281 1.15 18.53 1.89
CA HIS A 281 0.96 18.18 0.49
C HIS A 281 2.10 17.39 -0.17
N LYS A 282 3.33 17.62 0.28
CA LYS A 282 4.48 16.99 -0.37
C LYS A 282 4.46 15.47 -0.28
N HIS A 283 3.76 14.95 0.72
CA HIS A 283 3.69 13.50 0.93
C HIS A 283 2.79 12.80 -0.08
N PHE A 284 1.98 13.57 -0.79
CA PHE A 284 1.13 13.03 -1.85
C PHE A 284 1.96 12.51 -3.01
N GLU A 285 3.08 13.16 -3.27
N GLU A 285 3.09 13.16 -3.25
CA GLU A 285 3.94 12.74 -4.37
CA GLU A 285 3.96 12.82 -4.36
C GLU A 285 5.35 12.43 -3.88
C GLU A 285 5.36 12.44 -3.88
N PHE A 286 5.46 12.06 -2.61
CA PHE A 286 6.73 11.65 -2.00
C PHE A 286 7.84 12.69 -2.18
N GLY A 287 7.51 13.95 -1.93
CA GLY A 287 8.40 15.06 -2.21
C GLY A 287 9.71 15.07 -1.43
N ASN A 288 10.77 15.49 -2.10
CA ASN A 288 12.10 15.58 -1.49
C ASN A 288 12.71 16.98 -1.61
N THR A 289 12.13 17.93 -0.90
CA THR A 289 12.66 19.30 -0.87
C THR A 289 12.91 19.72 0.58
N ASP A 290 13.62 20.83 0.76
CA ASP A 290 13.98 21.26 2.12
C ASP A 290 12.91 22.12 2.79
N THR A 291 11.84 22.41 2.07
CA THR A 291 10.71 23.13 2.66
C THR A 291 9.41 22.37 2.44
N THR A 292 8.35 22.78 3.14
CA THR A 292 7.07 22.10 3.04
C THR A 292 5.90 23.07 3.11
N VAL A 293 4.82 22.73 2.41
CA VAL A 293 3.59 23.51 2.50
C VAL A 293 2.52 22.69 3.22
N ILE A 294 1.99 23.24 4.30
CA ILE A 294 0.89 22.60 5.00
C ILE A 294 -0.38 23.44 4.91
N SER A 295 -1.52 22.79 5.05
CA SER A 295 -2.80 23.49 5.05
C SER A 295 -3.61 23.09 6.26
N GLU A 296 -3.98 24.06 7.08
CA GLU A 296 -4.86 23.80 8.22
C GLU A 296 -6.30 23.94 7.75
N GLU A 297 -7.09 22.88 7.93
CA GLU A 297 -8.48 22.85 7.51
C GLU A 297 -9.40 23.28 8.65
N TYR A 298 -10.11 24.38 8.44
CA TYR A 298 -11.03 24.90 9.46
C TYR A 298 -12.47 24.80 9.01
N PRO A 299 -13.36 24.35 9.92
CA PRO A 299 -14.79 24.45 9.66
C PRO A 299 -15.19 25.91 9.54
N LEU A 300 -16.05 26.23 8.57
CA LEU A 300 -16.54 27.58 8.38
C LEU A 300 -18.05 27.56 8.30
N GLU A 301 -18.71 28.35 9.16
CA GLU A 301 -20.16 28.38 9.18
C GLU A 301 -20.73 28.88 7.86
N TRP A 302 -21.52 28.05 7.21
CA TRP A 302 -22.00 28.36 5.88
C TRP A 302 -23.29 29.16 5.88
N ILE A 303 -23.39 30.06 4.91
CA ILE A 303 -24.62 30.75 4.57
C ILE A 303 -24.49 31.05 3.08
N LYS A 304 -25.59 31.40 2.42
CA LYS A 304 -25.55 31.73 1.01
C LYS A 304 -24.47 32.77 0.72
N GLY A 305 -23.57 32.45 -0.19
CA GLY A 305 -22.47 33.33 -0.52
C GLY A 305 -21.12 32.79 -0.11
N ILE A 306 -21.14 31.81 0.79
CA ILE A 306 -19.92 31.15 1.25
C ILE A 306 -19.70 29.86 0.45
N GLU A 307 -18.43 29.53 0.20
CA GLU A 307 -18.06 28.32 -0.53
C GLU A 307 -18.79 27.07 -0.06
N PRO A 308 -19.54 26.43 -0.95
CA PRO A 308 -20.27 25.20 -0.64
C PRO A 308 -19.38 23.97 -0.76
N TYR A 309 -19.06 23.35 0.38
CA TYR A 309 -18.21 22.16 0.37
C TYR A 309 -19.02 20.87 0.49
N TYR A 310 -19.70 20.70 1.62
CA TYR A 310 -20.48 19.48 1.88
C TYR A 310 -21.97 19.77 1.89
N PRO A 311 -22.72 19.15 0.96
CA PRO A 311 -24.17 19.30 0.95
C PRO A 311 -24.80 18.60 2.15
N ILE A 312 -25.87 19.16 2.69
CA ILE A 312 -26.54 18.58 3.85
C ILE A 312 -27.36 17.36 3.48
N ASN A 313 -28.14 17.49 2.40
CA ASN A 313 -28.95 16.39 1.88
C ASN A 313 -29.97 15.82 2.86
N ASP A 314 -30.47 16.63 3.78
CA ASP A 314 -31.58 16.20 4.62
C ASP A 314 -32.89 16.28 3.84
N GLU A 315 -34.00 15.93 4.49
CA GLU A 315 -35.29 15.84 3.78
C GLU A 315 -35.73 17.19 3.19
N LYS A 316 -35.63 18.26 3.97
CA LYS A 316 -36.11 19.56 3.50
C LYS A 316 -35.27 20.11 2.35
N ASN A 317 -33.97 19.83 2.35
CA ASN A 317 -33.11 20.28 1.27
C ASN A 317 -33.26 19.44 0.00
N GLN A 318 -33.55 18.16 0.17
CA GLN A 318 -33.84 17.30 -0.98
C GLN A 318 -35.14 17.73 -1.65
N ALA A 319 -36.13 18.09 -0.83
CA ALA A 319 -37.40 18.59 -1.33
C ALA A 319 -37.18 19.90 -2.09
N LEU A 320 -36.32 20.74 -1.54
CA LEU A 320 -35.97 22.00 -2.18
C LEU A 320 -35.26 21.75 -3.51
N TYR A 321 -34.32 20.81 -3.50
CA TYR A 321 -33.57 20.47 -4.71
C TYR A 321 -34.46 19.94 -5.82
N GLU A 322 -35.43 19.12 -5.46
CA GLU A 322 -36.35 18.56 -6.46
C GLU A 322 -37.21 19.64 -7.11
N LYS A 323 -37.49 20.71 -6.37
CA LYS A 323 -38.20 21.86 -6.93
C LYS A 323 -37.37 22.53 -8.02
N TYR A 324 -36.09 22.73 -7.74
CA TYR A 324 -35.18 23.31 -8.72
C TYR A 324 -34.98 22.37 -9.90
N LYS A 325 -34.86 21.07 -9.62
CA LYS A 325 -34.67 20.07 -10.66
C LYS A 325 -35.86 20.02 -11.61
N GLN A 326 -37.06 20.27 -11.08
CA GLN A 326 -38.26 20.29 -11.89
C GLN A 326 -38.25 21.48 -12.85
N LEU A 327 -37.68 22.60 -12.40
CA LEU A 327 -37.47 23.74 -13.28
C LEU A 327 -36.51 23.36 -14.40
N ALA A 328 -35.45 22.64 -14.03
CA ALA A 328 -34.42 22.24 -14.98
C ALA A 328 -34.97 21.32 -16.07
N LYS A 329 -35.80 20.37 -15.68
CA LYS A 329 -36.36 19.41 -16.63
C LYS A 329 -37.20 20.06 -17.73
N HIS A 330 -37.68 21.27 -17.48
CA HIS A 330 -38.51 21.97 -18.45
C HIS A 330 -37.79 23.12 -19.14
N GLU A 331 -36.49 23.23 -18.89
CA GLU A 331 -35.68 24.22 -19.60
C GLU A 331 -34.79 23.50 -20.61
N SER A 332 -35.24 23.47 -21.86
CA SER A 332 -34.56 22.72 -22.91
C SER A 332 -33.16 23.24 -23.20
N ASN A 333 -32.26 22.32 -23.54
CA ASN A 333 -30.88 22.63 -23.87
C ASN A 333 -30.08 23.29 -22.75
N VAL A 334 -30.55 23.11 -21.52
CA VAL A 334 -29.76 23.48 -20.34
C VAL A 334 -29.65 22.26 -19.45
N TYR A 335 -28.42 21.86 -19.17
CA TYR A 335 -28.17 20.64 -18.41
C TYR A 335 -27.35 20.94 -17.17
N PHE A 336 -27.72 20.33 -16.05
CA PHE A 336 -27.01 20.53 -14.79
C PHE A 336 -26.24 19.27 -14.39
N GLY A 337 -24.95 19.44 -14.13
CA GLY A 337 -24.10 18.32 -13.76
C GLY A 337 -23.09 18.69 -12.70
N GLY A 338 -22.44 17.67 -12.14
CA GLY A 338 -21.42 17.88 -11.13
C GLY A 338 -21.99 17.92 -9.74
N ARG A 339 -21.11 18.08 -8.76
CA ARG A 339 -21.51 18.11 -7.34
C ARG A 339 -22.44 19.28 -7.04
N LEU A 340 -22.21 20.41 -7.70
CA LEU A 340 -22.99 21.61 -7.45
C LEU A 340 -24.28 21.63 -8.27
N GLY A 341 -24.20 21.09 -9.49
CA GLY A 341 -25.36 21.06 -10.36
C GLY A 341 -26.42 20.05 -9.94
N GLU A 342 -25.99 19.05 -9.18
CA GLU A 342 -26.89 17.98 -8.76
C GLU A 342 -27.07 17.92 -7.25
N TYR A 343 -26.47 18.89 -6.55
CA TYR A 343 -26.55 18.98 -5.09
C TYR A 343 -26.26 17.64 -4.41
N ARG A 344 -25.05 17.13 -4.62
CA ARG A 344 -24.64 15.87 -4.00
C ARG A 344 -23.13 15.78 -3.93
N TYR A 345 -22.64 15.04 -2.95
CA TYR A 345 -21.21 14.80 -2.84
C TYR A 345 -20.79 13.75 -3.85
N TYR A 346 -19.90 14.13 -4.75
CA TYR A 346 -19.36 13.22 -5.74
C TYR A 346 -17.89 12.94 -5.43
N ASP A 347 -17.52 11.66 -5.31
CA ASP A 347 -16.11 11.31 -5.38
C ASP A 347 -15.67 11.62 -6.80
N MET A 348 -14.35 11.76 -7.00
CA MET A 348 -13.83 12.06 -8.34
C MET A 348 -14.20 10.98 -9.35
N GLN A 349 -14.12 9.72 -8.93
CA GLN A 349 -14.48 8.61 -9.80
C GLN A 349 -15.97 8.65 -10.13
N ASP A 350 -16.77 9.11 -9.19
CA ASP A 350 -18.21 9.21 -9.38
C ASP A 350 -18.57 10.26 -10.43
N VAL A 351 -17.87 11.40 -10.41
CA VAL A 351 -18.16 12.46 -11.37
C VAL A 351 -17.59 12.12 -12.74
N VAL A 352 -16.51 11.35 -12.78
CA VAL A 352 -15.97 10.86 -14.05
C VAL A 352 -17.00 9.94 -14.70
N ARG A 353 -17.56 9.04 -13.91
CA ARG A 353 -18.61 8.15 -14.39
C ARG A 353 -19.83 8.94 -14.85
N SER A 354 -20.24 9.92 -14.03
CA SER A 354 -21.40 10.74 -14.33
C SER A 354 -21.19 11.58 -15.59
N ALA A 355 -20.00 12.16 -15.73
CA ALA A 355 -19.69 12.98 -16.88
C ALA A 355 -19.66 12.18 -18.18
N LEU A 356 -19.00 11.02 -18.12
CA LEU A 356 -18.88 10.15 -19.29
C LEU A 356 -20.23 9.59 -19.73
N LEU A 357 -21.10 9.30 -18.77
CA LEU A 357 -22.44 8.82 -19.09
C LEU A 357 -23.23 9.93 -19.80
N PHE A 358 -23.08 11.16 -19.32
CA PHE A 358 -23.72 12.30 -19.94
C PHE A 358 -23.19 12.50 -21.35
N CYS A 359 -21.88 12.33 -21.52
CA CYS A 359 -21.25 12.46 -22.83
C CYS A 359 -21.78 11.42 -23.82
N LYS A 360 -21.93 10.19 -23.36
CA LYS A 360 -22.42 9.10 -24.21
C LYS A 360 -23.81 9.40 -24.74
N ASN A 361 -24.67 9.99 -23.91
CA ASN A 361 -26.03 10.29 -24.30
C ASN A 361 -26.17 11.59 -25.08
N GLU A 362 -25.30 12.55 -24.80
CA GLU A 362 -25.41 13.89 -25.37
C GLU A 362 -24.66 14.07 -26.70
N LEU A 363 -23.44 13.53 -26.76
CA LEU A 363 -22.59 13.72 -27.93
C LEU A 363 -22.76 12.60 -28.95
N LYS A 364 -23.08 12.97 -30.19
CA LYS A 364 -23.33 11.99 -31.24
C LYS A 364 -22.31 12.04 -32.38
N ASN A 365 -22.65 12.78 -33.44
CA ASN A 365 -21.81 12.86 -34.64
C ASN A 365 -20.40 13.36 -34.34
N MET B 1 19.35 -39.58 -24.92
CA MET B 1 20.07 -38.65 -24.05
C MET B 1 19.46 -37.26 -24.10
N TYR B 2 19.17 -36.71 -22.92
CA TYR B 2 18.60 -35.36 -22.82
C TYR B 2 19.65 -34.32 -23.18
N ASP B 3 19.18 -33.11 -23.48
CA ASP B 3 20.08 -31.99 -23.71
C ASP B 3 20.59 -31.47 -22.38
N TYR B 4 19.69 -31.36 -21.40
CA TYR B 4 20.03 -30.84 -20.09
C TYR B 4 19.52 -31.70 -18.95
N LEU B 5 20.39 -31.92 -17.97
CA LEU B 5 19.98 -32.49 -16.69
C LEU B 5 19.96 -31.38 -15.66
N ILE B 6 18.79 -31.09 -15.12
CA ILE B 6 18.65 -30.00 -14.16
C ILE B 6 18.41 -30.54 -12.76
N VAL B 7 19.39 -30.37 -11.89
CA VAL B 7 19.25 -30.79 -10.51
C VAL B 7 18.62 -29.69 -9.68
N GLY B 8 17.38 -29.92 -9.25
CA GLY B 8 16.64 -28.94 -8.47
C GLY B 8 15.56 -28.27 -9.28
N SER B 9 14.37 -28.18 -8.69
CA SER B 9 13.21 -27.60 -9.37
C SER B 9 12.78 -26.29 -8.71
N GLY B 10 13.75 -25.56 -8.18
CA GLY B 10 13.49 -24.26 -7.59
C GLY B 10 13.36 -23.20 -8.66
N LEU B 11 13.43 -21.93 -8.25
CA LEU B 11 13.27 -20.81 -9.18
C LEU B 11 14.28 -20.85 -10.33
N PHE B 12 15.55 -21.03 -9.99
CA PHE B 12 16.61 -21.05 -11.01
C PHE B 12 16.44 -22.23 -11.95
N GLY B 13 16.28 -23.42 -11.38
CA GLY B 13 16.14 -24.63 -12.17
C GLY B 13 14.92 -24.61 -13.08
N SER B 14 13.80 -24.15 -12.55
CA SER B 14 12.55 -24.13 -13.30
C SER B 14 12.52 -23.09 -14.42
N ILE B 15 13.12 -21.94 -14.17
CA ILE B 15 13.19 -20.89 -15.19
C ILE B 15 14.01 -21.36 -16.38
N PHE B 16 15.17 -21.95 -16.10
CA PHE B 16 16.02 -22.49 -17.16
C PHE B 16 15.32 -23.63 -17.88
N ALA B 17 14.62 -24.47 -17.13
CA ALA B 17 13.88 -25.60 -17.69
C ALA B 17 12.83 -25.09 -18.66
N TYR B 18 12.13 -24.03 -18.27
CA TYR B 18 11.12 -23.42 -19.13
C TYR B 18 11.74 -22.89 -20.41
N GLU B 19 12.74 -22.03 -20.26
CA GLU B 19 13.40 -21.39 -21.40
C GLU B 19 14.03 -22.40 -22.35
N ALA B 20 14.63 -23.45 -21.79
CA ALA B 20 15.28 -24.48 -22.61
C ALA B 20 14.25 -25.27 -23.41
N THR B 21 13.19 -25.70 -22.75
CA THR B 21 12.14 -26.46 -23.41
C THR B 21 11.41 -25.63 -24.46
N GLU B 22 11.25 -24.34 -24.17
CA GLU B 22 10.60 -23.43 -25.13
C GLU B 22 11.44 -23.28 -26.40
N LYS B 23 12.76 -23.33 -26.25
CA LYS B 23 13.65 -23.24 -27.39
C LYS B 23 13.99 -24.62 -27.97
N GLY B 24 13.18 -25.61 -27.60
CA GLY B 24 13.29 -26.94 -28.18
C GLY B 24 14.44 -27.79 -27.68
N TYR B 25 14.74 -27.70 -26.40
CA TYR B 25 15.74 -28.58 -25.79
C TYR B 25 15.06 -29.55 -24.83
N THR B 26 15.55 -30.79 -24.79
CA THR B 26 15.01 -31.78 -23.87
C THR B 26 15.60 -31.60 -22.48
N CYS B 27 14.74 -31.56 -21.46
CA CYS B 27 15.19 -31.32 -20.10
C CYS B 27 14.72 -32.38 -19.12
N LEU B 28 15.68 -32.96 -18.39
CA LEU B 28 15.37 -33.86 -17.29
C LEU B 28 15.63 -33.14 -15.97
N VAL B 29 14.60 -33.05 -15.14
CA VAL B 29 14.71 -32.37 -13.85
C VAL B 29 14.69 -33.36 -12.69
N VAL B 30 15.79 -33.41 -11.96
CA VAL B 30 15.89 -34.29 -10.79
C VAL B 30 15.76 -33.50 -9.50
N GLU B 31 14.71 -33.80 -8.74
CA GLU B 31 14.41 -33.09 -7.49
C GLU B 31 14.37 -34.05 -6.32
N GLN B 32 15.05 -33.70 -5.24
CA GLN B 32 15.16 -34.60 -4.08
C GLN B 32 13.90 -34.60 -3.21
N ARG B 33 13.10 -33.54 -3.31
CA ARG B 33 11.92 -33.41 -2.49
C ARG B 33 10.70 -34.07 -3.14
N GLU B 34 9.61 -34.17 -2.37
CA GLU B 34 8.38 -34.81 -2.84
C GLU B 34 7.62 -33.92 -3.81
N HIS B 35 8.11 -32.71 -4.00
CA HIS B 35 7.41 -31.71 -4.80
C HIS B 35 8.38 -30.73 -5.44
N ILE B 36 7.85 -29.91 -6.34
CA ILE B 36 8.66 -28.91 -7.03
C ILE B 36 8.61 -27.57 -6.32
N GLY B 37 9.29 -26.57 -6.87
CA GLY B 37 9.20 -25.21 -6.38
C GLY B 37 10.35 -24.75 -5.51
N GLY B 38 11.11 -25.70 -4.96
CA GLY B 38 12.18 -25.35 -4.05
C GLY B 38 11.62 -24.70 -2.80
N ASN B 39 12.31 -23.68 -2.30
CA ASN B 39 11.86 -23.00 -1.08
C ASN B 39 10.70 -22.04 -1.30
N CYS B 40 10.30 -21.84 -2.56
CA CYS B 40 9.16 -21.00 -2.87
C CYS B 40 7.87 -21.81 -2.85
N TYR B 41 8.00 -23.12 -2.64
CA TYR B 41 6.87 -24.04 -2.71
C TYR B 41 5.73 -23.67 -1.77
N THR B 42 4.51 -23.62 -2.32
CA THR B 42 3.32 -23.43 -1.50
C THR B 42 2.41 -24.65 -1.58
N GLU B 43 1.87 -25.05 -0.44
CA GLU B 43 0.98 -26.19 -0.37
C GLU B 43 -0.42 -25.75 0.02
N ASN B 44 -1.42 -26.18 -0.74
CA ASN B 44 -2.80 -25.84 -0.43
C ASN B 44 -3.30 -26.66 0.75
N ILE B 45 -3.44 -26.00 1.90
CA ILE B 45 -3.94 -26.64 3.10
C ILE B 45 -5.20 -25.94 3.59
N LYS B 46 -6.32 -26.65 3.60
CA LYS B 46 -7.62 -26.08 3.96
C LYS B 46 -7.93 -24.84 3.12
N ASN B 47 -7.70 -24.97 1.81
CA ASN B 47 -7.93 -23.89 0.86
C ASN B 47 -7.11 -22.63 1.13
N ILE B 48 -5.95 -22.81 1.76
CA ILE B 48 -5.01 -21.74 2.00
C ILE B 48 -3.65 -22.11 1.43
N ASN B 49 -3.09 -21.25 0.59
CA ASN B 49 -1.77 -21.47 0.04
C ASN B 49 -0.69 -21.18 1.09
N VAL B 50 -0.16 -22.26 1.68
CA VAL B 50 0.79 -22.15 2.78
C VAL B 50 2.23 -22.08 2.28
N HIS B 51 2.94 -21.03 2.69
CA HIS B 51 4.35 -20.88 2.34
C HIS B 51 5.19 -21.80 3.23
N LYS B 52 5.39 -23.02 2.76
CA LYS B 52 5.97 -24.09 3.57
C LYS B 52 7.38 -23.82 4.12
N TYR B 53 8.16 -23.04 3.40
CA TYR B 53 9.55 -22.80 3.81
C TYR B 53 9.79 -21.35 4.21
N GLY B 54 8.74 -20.69 4.69
CA GLY B 54 8.85 -19.32 5.14
C GLY B 54 8.09 -18.36 4.25
N ALA B 55 7.75 -17.20 4.81
CA ALA B 55 7.03 -16.16 4.07
C ALA B 55 7.80 -15.73 2.84
N HIS B 56 7.15 -15.81 1.68
CA HIS B 56 7.75 -15.39 0.42
C HIS B 56 6.93 -14.29 -0.25
N ILE B 57 7.42 -13.07 -0.16
CA ILE B 57 6.77 -11.92 -0.77
C ILE B 57 7.63 -11.40 -1.93
N PHE B 58 7.10 -11.51 -3.14
CA PHE B 58 7.85 -11.06 -4.30
C PHE B 58 7.87 -9.54 -4.40
N ARG B 59 9.05 -8.99 -4.66
CA ARG B 59 9.18 -7.56 -4.90
C ARG B 59 10.37 -7.25 -5.79
N THR B 60 10.28 -6.17 -6.55
CA THR B 60 11.35 -5.76 -7.46
C THR B 60 11.13 -4.33 -7.93
N SER B 61 12.19 -3.72 -8.44
CA SER B 61 12.10 -2.38 -9.02
C SER B 61 12.30 -2.48 -10.53
N ASP B 62 12.63 -3.67 -10.99
CA ASP B 62 12.84 -3.93 -12.41
C ASP B 62 11.54 -4.39 -13.05
N GLN B 63 10.97 -3.55 -13.90
CA GLN B 63 9.71 -3.85 -14.57
C GLN B 63 9.81 -5.11 -15.43
N ASN B 64 10.99 -5.32 -16.02
CA ASN B 64 11.23 -6.50 -16.85
C ASN B 64 11.05 -7.80 -16.08
N ILE B 65 11.67 -7.88 -14.91
CA ILE B 65 11.56 -9.04 -14.03
C ILE B 65 10.10 -9.26 -13.63
N TRP B 66 9.45 -8.18 -13.23
CA TRP B 66 8.05 -8.22 -12.83
C TRP B 66 7.15 -8.69 -13.97
N ASP B 67 7.38 -8.15 -15.16
CA ASP B 67 6.63 -8.54 -16.34
C ASP B 67 6.85 -10.01 -16.69
N TYR B 68 8.07 -10.48 -16.46
CA TYR B 68 8.41 -11.87 -16.77
C TYR B 68 7.61 -12.84 -15.90
N MET B 69 7.54 -12.56 -14.61
CA MET B 69 6.80 -13.42 -13.68
C MET B 69 5.31 -13.34 -13.92
N ASN B 70 4.85 -12.22 -14.49
CA ASN B 70 3.43 -12.03 -14.80
C ASN B 70 2.96 -12.93 -15.94
N GLN B 71 3.90 -13.56 -16.65
CA GLN B 71 3.55 -14.48 -17.72
C GLN B 71 2.96 -15.77 -17.15
N PHE B 72 3.31 -16.07 -15.91
CA PHE B 72 2.91 -17.33 -15.29
C PHE B 72 1.84 -17.15 -14.22
N CYS B 73 1.57 -15.90 -13.84
CA CYS B 73 0.61 -15.64 -12.77
C CYS B 73 0.15 -14.19 -12.76
N GLU B 74 -0.83 -13.93 -11.90
CA GLU B 74 -1.25 -12.57 -11.60
C GLU B 74 -0.97 -12.29 -10.13
N PHE B 75 -0.29 -11.17 -9.85
CA PHE B 75 0.04 -10.81 -8.48
C PHE B 75 -1.08 -9.98 -7.85
N ASN B 76 -1.36 -10.23 -6.58
CA ASN B 76 -2.30 -9.39 -5.85
C ASN B 76 -1.61 -8.12 -5.36
N HIS B 77 -2.29 -7.36 -4.50
CA HIS B 77 -1.72 -6.12 -4.00
C HIS B 77 -1.37 -6.22 -2.51
N PHE B 78 -0.88 -7.38 -2.09
CA PHE B 78 -0.45 -7.57 -0.72
C PHE B 78 0.68 -6.61 -0.38
N ILE B 79 0.57 -5.97 0.77
CA ILE B 79 1.63 -5.10 1.28
C ILE B 79 2.17 -5.70 2.57
N ASN B 80 3.45 -6.02 2.58
CA ASN B 80 4.07 -6.58 3.77
C ASN B 80 4.24 -5.49 4.84
N SER B 81 3.58 -5.69 5.97
CA SER B 81 3.70 -4.77 7.10
C SER B 81 3.78 -5.56 8.40
N PRO B 82 4.95 -6.19 8.65
CA PRO B 82 5.12 -7.08 9.80
C PRO B 82 4.87 -6.37 11.13
N ILE B 83 4.39 -7.14 12.10
CA ILE B 83 4.20 -6.66 13.46
C ILE B 83 5.27 -7.28 14.35
N ALA B 84 5.82 -6.49 15.26
CA ALA B 84 6.81 -7.01 16.20
C ALA B 84 6.25 -7.04 17.61
N ILE B 85 6.30 -8.22 18.23
CA ILE B 85 5.88 -8.35 19.62
C ILE B 85 7.09 -8.55 20.53
N TYR B 86 7.25 -7.65 21.49
CA TYR B 86 8.33 -7.74 22.46
C TYR B 86 7.74 -7.76 23.86
N LYS B 87 7.83 -8.92 24.51
CA LYS B 87 7.21 -9.13 25.82
C LYS B 87 5.73 -8.77 25.79
N ASP B 88 5.36 -7.73 26.53
CA ASP B 88 3.96 -7.31 26.61
C ASP B 88 3.69 -6.16 25.64
N GLU B 89 4.68 -5.84 24.82
CA GLU B 89 4.59 -4.68 23.94
C GLU B 89 4.45 -5.06 22.48
N ILE B 90 3.94 -4.13 21.67
CA ILE B 90 3.70 -4.39 20.25
C ILE B 90 4.09 -3.18 19.39
N TYR B 91 4.79 -3.44 18.29
CA TYR B 91 5.30 -2.37 17.44
C TYR B 91 5.13 -2.67 15.96
N ASN B 92 5.09 -1.61 15.15
CA ASN B 92 5.08 -1.77 13.70
C ASN B 92 6.47 -1.85 13.11
N LEU B 93 6.63 -2.71 12.11
CA LEU B 93 7.82 -2.72 11.28
C LEU B 93 7.41 -2.20 9.89
N PRO B 94 8.37 -1.67 9.12
CA PRO B 94 9.78 -1.48 9.45
C PRO B 94 9.94 -0.24 10.32
N PHE B 95 11.17 0.17 10.58
CA PHE B 95 11.41 1.32 11.44
C PHE B 95 10.86 2.59 10.81
N ASN B 96 9.67 2.99 11.24
CA ASN B 96 9.04 4.22 10.74
C ASN B 96 8.38 5.00 11.87
N MET B 97 7.65 6.06 11.54
CA MET B 97 7.06 6.92 12.55
C MET B 97 6.04 6.20 13.44
N ASN B 98 5.38 5.19 12.90
CA ASN B 98 4.47 4.37 13.69
C ASN B 98 5.25 3.65 14.80
N THR B 99 6.46 3.23 14.48
CA THR B 99 7.34 2.60 15.45
C THR B 99 7.78 3.60 16.50
N PHE B 100 8.22 4.77 16.03
CA PHE B 100 8.84 5.77 16.89
C PHE B 100 7.85 6.45 17.83
N SER B 101 6.63 6.68 17.35
CA SER B 101 5.61 7.30 18.18
C SER B 101 5.21 6.37 19.33
N LYS B 102 5.21 5.08 19.05
CA LYS B 102 4.86 4.08 20.07
C LYS B 102 6.00 3.94 21.08
N LEU B 103 7.23 3.90 20.58
CA LEU B 103 8.41 3.74 21.42
C LEU B 103 8.62 4.87 22.42
N TRP B 104 8.47 6.10 21.96
CA TRP B 104 8.89 7.26 22.75
C TRP B 104 7.78 8.23 23.12
N GLY B 105 6.56 7.99 22.62
CA GLY B 105 5.45 8.87 22.91
C GLY B 105 5.63 10.25 22.30
N ILE B 106 6.21 10.29 21.10
CA ILE B 106 6.35 11.54 20.36
C ILE B 106 5.48 11.50 19.11
N LYS B 107 5.44 12.59 18.36
CA LYS B 107 4.52 12.67 17.23
C LYS B 107 5.14 13.20 15.92
N THR B 108 6.13 14.08 16.01
CA THR B 108 6.69 14.69 14.83
C THR B 108 7.96 13.99 14.35
N PRO B 109 8.22 14.03 13.03
CA PRO B 109 9.44 13.48 12.43
C PRO B 109 10.71 14.01 13.10
N ASN B 110 10.72 15.30 13.42
CA ASN B 110 11.90 15.90 14.05
C ASN B 110 12.09 15.44 15.50
N GLU B 111 10.98 15.19 16.19
CA GLU B 111 11.05 14.65 17.54
C GLU B 111 11.69 13.27 17.55
N ALA B 112 11.35 12.46 16.54
CA ALA B 112 11.91 11.13 16.41
C ALA B 112 13.36 11.16 15.99
N ARG B 113 13.68 12.04 15.03
CA ARG B 113 15.04 12.16 14.53
C ARG B 113 16.02 12.61 15.61
N LYS B 114 15.56 13.53 16.45
CA LYS B 114 16.37 14.01 17.57
C LYS B 114 16.76 12.88 18.51
N ILE B 115 15.79 12.03 18.83
CA ILE B 115 16.02 10.90 19.73
C ILE B 115 16.99 9.89 19.11
N ILE B 116 16.70 9.48 17.88
CA ILE B 116 17.52 8.48 17.18
C ILE B 116 18.97 8.94 17.01
N GLU B 117 19.16 10.17 16.56
CA GLU B 117 20.50 10.69 16.32
C GLU B 117 21.26 10.95 17.61
N MET B 118 20.55 11.23 18.70
CA MET B 118 21.19 11.40 19.99
C MET B 118 21.63 10.04 20.54
N GLN B 119 20.76 9.04 20.39
CA GLN B 119 21.05 7.70 20.89
C GLN B 119 22.12 6.99 20.08
N LYS B 120 22.21 7.30 18.79
CA LYS B 120 23.21 6.72 17.91
C LYS B 120 24.62 7.14 18.33
N GLN B 121 24.73 8.32 18.94
CA GLN B 121 26.03 8.93 19.20
C GLN B 121 26.79 8.39 20.42
N ILE B 122 26.23 7.37 21.07
CA ILE B 122 26.94 6.75 22.19
C ILE B 122 28.02 5.80 21.68
N ILE B 123 28.05 5.59 20.38
CA ILE B 123 29.10 4.82 19.73
C ILE B 123 29.98 5.77 18.93
N GLN B 124 31.20 5.99 19.40
CA GLN B 124 32.09 6.98 18.81
C GLN B 124 33.21 6.36 17.97
N HIS B 125 33.33 5.04 18.05
CA HIS B 125 34.40 4.31 17.38
C HIS B 125 33.80 3.33 16.36
N PRO B 126 34.65 2.67 15.55
CA PRO B 126 34.07 1.61 14.73
C PRO B 126 33.48 0.53 15.62
N PRO B 127 32.26 0.08 15.32
CA PRO B 127 31.56 -0.94 16.12
C PRO B 127 32.43 -2.20 16.29
N LYS B 128 32.62 -2.61 17.54
CA LYS B 128 33.44 -3.77 17.83
C LYS B 128 32.66 -5.07 17.71
N ASN B 129 31.33 -4.94 17.66
CA ASN B 129 30.46 -6.10 17.60
C ASN B 129 29.08 -5.78 17.03
N LEU B 130 28.20 -6.77 17.00
CA LEU B 130 26.88 -6.58 16.42
C LEU B 130 26.02 -5.63 17.24
N GLU B 131 26.17 -5.66 18.56
CA GLU B 131 25.42 -4.78 19.44
C GLU B 131 25.74 -3.32 19.16
N GLU B 132 27.04 -3.00 19.12
CA GLU B 132 27.48 -1.64 18.85
C GLU B 132 27.10 -1.21 17.44
N GLN B 133 27.14 -2.14 16.50
CA GLN B 133 26.77 -1.87 15.11
C GLN B 133 25.31 -1.46 14.99
N ALA B 134 24.43 -2.20 15.64
CA ALA B 134 23.00 -1.90 15.62
C ALA B 134 22.72 -0.57 16.31
N ILE B 135 23.30 -0.40 17.50
CA ILE B 135 23.13 0.84 18.26
C ILE B 135 23.64 2.06 17.51
N SER B 136 24.77 1.90 16.82
CA SER B 136 25.36 3.00 16.06
C SER B 136 24.46 3.42 14.90
N LEU B 137 23.51 2.56 14.53
CA LEU B 137 22.65 2.82 13.40
C LEU B 137 21.25 3.32 13.79
N VAL B 138 20.69 2.78 14.88
CA VAL B 138 19.32 3.11 15.26
C VAL B 138 19.14 3.48 16.73
N GLY B 139 20.21 3.42 17.51
CA GLY B 139 20.13 3.76 18.91
C GLY B 139 19.80 2.58 19.80
N THR B 140 19.86 2.80 21.12
CA THR B 140 19.68 1.71 22.08
C THR B 140 18.25 1.17 22.15
N ASP B 141 17.27 2.07 22.21
CA ASP B 141 15.87 1.67 22.37
C ASP B 141 15.36 0.77 21.24
N VAL B 142 15.55 1.20 20.01
CA VAL B 142 15.13 0.41 18.85
C VAL B 142 15.85 -0.94 18.83
N TYR B 143 17.13 -0.93 19.15
CA TYR B 143 17.94 -2.15 19.21
C TYR B 143 17.41 -3.14 20.25
N GLU B 144 17.21 -2.65 21.47
CA GLU B 144 16.78 -3.51 22.57
C GLU B 144 15.37 -4.07 22.38
N LYS B 145 14.48 -3.29 21.78
CA LYS B 145 13.09 -3.68 21.64
C LYS B 145 12.83 -4.53 20.40
N LEU B 146 13.57 -4.29 19.33
CA LEU B 146 13.22 -4.85 18.03
C LEU B 146 14.31 -5.68 17.36
N ILE B 147 15.53 -5.63 17.88
CA ILE B 147 16.64 -6.33 17.24
C ILE B 147 17.35 -7.33 18.15
N LYS B 148 17.65 -6.89 19.38
CA LYS B 148 18.49 -7.63 20.30
C LYS B 148 18.06 -9.09 20.52
N GLY B 149 16.91 -9.28 21.14
CA GLY B 149 16.39 -10.61 21.44
C GLY B 149 16.16 -11.46 20.20
N TYR B 150 15.64 -10.83 19.15
CA TYR B 150 15.40 -11.49 17.88
C TYR B 150 16.69 -12.08 17.31
N THR B 151 17.76 -11.30 17.38
CA THR B 151 19.06 -11.70 16.84
C THR B 151 19.74 -12.75 17.70
N GLU B 152 19.65 -12.59 19.02
CA GLU B 152 20.24 -13.55 19.96
C GLU B 152 19.74 -14.96 19.71
N LYS B 153 18.46 -15.09 19.40
CA LYS B 153 17.86 -16.39 19.12
C LYS B 153 18.33 -16.98 17.79
N GLN B 154 18.48 -16.11 16.79
CA GLN B 154 18.91 -16.53 15.47
C GLN B 154 20.34 -17.10 15.49
N TRP B 155 21.15 -16.63 16.42
CA TRP B 155 22.57 -16.98 16.44
C TRP B 155 22.99 -17.76 17.68
N GLY B 156 22.16 -17.77 18.71
CA GLY B 156 22.41 -18.55 19.90
C GLY B 156 23.42 -17.96 20.86
N ARG B 157 23.74 -16.68 20.67
CA ARG B 157 24.63 -15.97 21.58
C ARG B 157 24.30 -14.49 21.64
N SER B 158 24.91 -13.78 22.59
CA SER B 158 24.66 -12.35 22.75
C SER B 158 25.21 -11.56 21.56
N CYS B 159 24.64 -10.39 21.31
CA CYS B 159 25.03 -9.59 20.15
C CYS B 159 26.43 -8.99 20.28
N LYS B 160 26.92 -8.84 21.51
CA LYS B 160 28.28 -8.35 21.70
C LYS B 160 29.31 -9.47 21.48
N ASP B 161 28.81 -10.68 21.29
CA ASP B 161 29.66 -11.81 20.91
C ASP B 161 29.47 -12.15 19.43
N LEU B 162 28.87 -11.23 18.69
CA LEU B 162 28.65 -11.41 17.26
C LEU B 162 29.34 -10.30 16.48
N PRO B 163 29.85 -10.62 15.27
CA PRO B 163 30.55 -9.63 14.47
C PRO B 163 29.61 -8.56 13.91
N ALA B 164 30.12 -7.35 13.75
CA ALA B 164 29.31 -6.23 13.27
C ALA B 164 28.82 -6.44 11.84
N SER B 165 29.51 -7.30 11.09
CA SER B 165 29.22 -7.51 9.68
C SER B 165 27.85 -8.12 9.41
N ILE B 166 27.25 -8.73 10.43
CA ILE B 166 25.95 -9.39 10.28
C ILE B 166 24.85 -8.40 9.86
N ILE B 167 24.92 -7.19 10.40
CA ILE B 167 23.98 -6.14 10.02
C ILE B 167 24.67 -5.07 9.19
N ARG B 168 24.32 -5.00 7.90
CA ARG B 168 24.89 -4.02 6.99
C ARG B 168 24.27 -2.65 7.18
N ARG B 169 22.94 -2.60 7.12
CA ARG B 169 22.21 -1.35 7.30
C ARG B 169 20.85 -1.57 7.92
N LEU B 170 20.34 -0.54 8.59
CA LEU B 170 19.01 -0.58 9.19
C LEU B 170 18.26 0.68 8.81
N PRO B 171 17.54 0.63 7.67
CA PRO B 171 16.86 1.81 7.15
C PRO B 171 15.84 2.38 8.13
N VAL B 172 15.83 3.70 8.24
CA VAL B 172 14.87 4.41 9.08
C VAL B 172 14.15 5.45 8.23
N ARG B 173 12.82 5.47 8.30
CA ARG B 173 12.06 6.49 7.60
C ARG B 173 11.20 7.31 8.56
N TYR B 174 11.23 8.63 8.39
CA TYR B 174 10.48 9.51 9.26
C TYR B 174 9.12 9.84 8.65
N ILE B 175 8.45 8.79 8.18
CA ILE B 175 7.12 8.88 7.62
C ILE B 175 6.24 7.84 8.33
N TYR B 176 4.97 8.17 8.55
CA TYR B 176 4.02 7.19 9.07
C TYR B 176 3.62 6.25 7.94
N ASP B 177 4.36 5.16 7.82
CA ASP B 177 4.21 4.24 6.69
C ASP B 177 4.80 2.88 7.02
N ASN B 178 3.93 1.87 7.12
CA ASN B 178 4.36 0.53 7.52
C ASN B 178 4.73 -0.38 6.34
N ASN B 179 4.90 0.21 5.17
CA ASN B 179 5.33 -0.56 3.99
C ASN B 179 6.77 -1.05 4.18
N TYR B 180 6.92 -2.36 4.33
CA TYR B 180 8.22 -2.95 4.61
C TYR B 180 9.18 -2.83 3.42
N PHE B 181 8.64 -2.90 2.21
CA PHE B 181 9.46 -2.83 1.01
C PHE B 181 9.22 -1.54 0.23
N ASN B 182 10.31 -0.91 -0.21
CA ASN B 182 10.23 0.35 -0.96
C ASN B 182 10.04 0.15 -2.46
N ASP B 183 9.92 -1.10 -2.88
CA ASP B 183 9.82 -1.43 -4.30
C ASP B 183 8.48 -1.00 -4.89
N PRO B 184 8.49 -0.54 -6.15
CA PRO B 184 7.25 -0.17 -6.86
C PRO B 184 6.42 -1.39 -7.23
N TYR B 185 7.05 -2.54 -7.35
CA TYR B 185 6.36 -3.79 -7.67
C TYR B 185 6.46 -4.78 -6.53
N GLN B 186 5.31 -5.15 -5.97
N GLN B 186 5.32 -5.16 -5.96
CA GLN B 186 5.25 -6.11 -4.87
CA GLN B 186 5.29 -6.16 -4.90
C GLN B 186 3.91 -6.81 -4.85
C GLN B 186 3.91 -6.79 -4.75
N GLY B 187 3.90 -8.08 -4.40
CA GLY B 187 2.66 -8.80 -4.25
C GLY B 187 2.83 -10.30 -4.13
N ILE B 188 1.70 -11.00 -4.01
CA ILE B 188 1.69 -12.45 -3.91
C ILE B 188 0.95 -13.02 -5.11
N PRO B 189 1.50 -14.06 -5.75
CA PRO B 189 0.81 -14.68 -6.88
C PRO B 189 -0.51 -15.30 -6.47
N LYS B 190 -1.59 -14.92 -7.14
CA LYS B 190 -2.89 -15.51 -6.88
C LYS B 190 -2.88 -16.99 -7.24
N GLY B 191 -3.24 -17.83 -6.28
CA GLY B 191 -3.25 -19.27 -6.49
C GLY B 191 -1.99 -19.95 -6.00
N GLY B 192 -1.04 -19.16 -5.51
CA GLY B 192 0.19 -19.70 -4.93
C GLY B 192 1.36 -19.74 -5.89
N TYR B 193 2.54 -20.03 -5.36
CA TYR B 193 3.77 -20.08 -6.15
C TYR B 193 3.91 -21.39 -6.93
N THR B 194 3.37 -22.47 -6.38
CA THR B 194 3.52 -23.80 -6.98
C THR B 194 2.93 -23.87 -8.38
N ALA B 195 1.84 -23.15 -8.61
CA ALA B 195 1.20 -23.12 -9.92
C ALA B 195 2.13 -22.51 -10.98
N ILE B 196 2.99 -21.59 -10.55
CA ILE B 196 3.97 -20.99 -11.44
C ILE B 196 4.99 -22.02 -11.91
N PHE B 197 5.48 -22.83 -10.98
CA PHE B 197 6.46 -23.86 -11.30
C PHE B 197 5.85 -24.98 -12.13
N ASP B 198 4.55 -25.21 -11.95
CA ASP B 198 3.82 -26.20 -12.74
C ASP B 198 3.89 -25.85 -14.23
N LYS B 199 3.73 -24.56 -14.52
CA LYS B 199 3.74 -24.07 -15.90
C LYS B 199 5.15 -24.12 -16.50
N MET B 200 6.14 -23.73 -15.71
CA MET B 200 7.53 -23.71 -16.17
C MET B 200 8.05 -25.10 -16.51
N LEU B 201 7.62 -26.10 -15.75
CA LEU B 201 8.15 -27.45 -15.87
C LEU B 201 7.27 -28.37 -16.71
N LYS B 202 6.24 -27.80 -17.34
CA LYS B 202 5.27 -28.58 -18.09
C LYS B 202 5.89 -29.40 -19.22
N LYS B 203 6.85 -28.80 -19.91
CA LYS B 203 7.49 -29.47 -21.06
C LYS B 203 8.76 -30.22 -20.66
N SER B 204 8.95 -30.43 -19.36
CA SER B 204 10.13 -31.14 -18.87
C SER B 204 9.76 -32.44 -18.18
N LYS B 205 10.67 -33.41 -18.23
CA LYS B 205 10.51 -34.64 -17.49
C LYS B 205 10.99 -34.43 -16.05
N VAL B 206 10.08 -34.58 -15.10
CA VAL B 206 10.38 -34.29 -13.70
C VAL B 206 10.44 -35.55 -12.85
N ILE B 207 11.58 -35.75 -12.19
CA ILE B 207 11.75 -36.86 -11.26
C ILE B 207 11.87 -36.35 -9.83
N LEU B 208 10.96 -36.81 -8.98
CA LEU B 208 10.92 -36.36 -7.58
C LEU B 208 11.48 -37.40 -6.64
N ASN B 209 11.63 -37.02 -5.38
CA ASN B 209 12.12 -37.91 -4.33
C ASN B 209 13.46 -38.57 -4.66
N THR B 210 14.27 -37.89 -5.46
CA THR B 210 15.53 -38.45 -5.93
C THR B 210 16.69 -37.49 -5.69
N ASP B 211 17.53 -37.82 -4.73
CA ASP B 211 18.75 -37.07 -4.47
C ASP B 211 19.80 -37.45 -5.52
N PHE B 212 20.11 -36.48 -6.39
CA PHE B 212 21.02 -36.71 -7.51
C PHE B 212 22.39 -37.23 -7.09
N LEU B 213 22.96 -36.61 -6.04
CA LEU B 213 24.27 -36.99 -5.55
C LEU B 213 24.26 -38.39 -4.95
N LYS B 214 23.13 -38.76 -4.35
CA LYS B 214 22.97 -40.07 -3.75
C LYS B 214 22.92 -41.16 -4.82
N TYR B 215 22.42 -40.81 -6.00
CA TYR B 215 22.29 -41.76 -7.10
C TYR B 215 22.93 -41.23 -8.38
N LYS B 216 24.15 -40.71 -8.25
CA LYS B 216 24.84 -40.09 -9.39
C LYS B 216 25.10 -41.09 -10.52
N ASP B 217 25.29 -42.36 -10.17
CA ASP B 217 25.53 -43.40 -11.17
C ASP B 217 24.28 -43.68 -12.03
N LYS B 218 23.10 -43.53 -11.43
CA LYS B 218 21.86 -43.76 -12.15
C LYS B 218 21.59 -42.69 -13.19
N PHE B 219 22.37 -41.60 -13.13
CA PHE B 219 22.19 -40.51 -14.08
C PHE B 219 23.48 -40.23 -14.85
N LYS B 220 24.30 -41.27 -15.02
CA LYS B 220 25.51 -41.14 -15.82
C LYS B 220 25.16 -40.96 -17.29
N ASN B 221 25.80 -39.98 -17.92
CA ASN B 221 25.56 -39.63 -19.33
C ASN B 221 24.11 -39.75 -19.81
N LYS B 222 23.17 -39.31 -18.98
CA LYS B 222 21.77 -39.30 -19.35
C LYS B 222 21.42 -37.96 -20.00
N ALA B 223 22.36 -37.03 -19.93
CA ALA B 223 22.19 -35.71 -20.54
C ALA B 223 23.53 -35.14 -20.96
N LYS B 224 23.50 -34.21 -21.92
CA LYS B 224 24.71 -33.60 -22.43
C LYS B 224 25.31 -32.63 -21.41
N LYS B 225 24.47 -31.77 -20.85
CA LYS B 225 24.92 -30.79 -19.87
C LYS B 225 24.14 -30.89 -18.56
N ILE B 226 24.78 -30.46 -17.47
CA ILE B 226 24.14 -30.48 -16.17
C ILE B 226 24.07 -29.08 -15.57
N VAL B 227 22.86 -28.66 -15.19
CA VAL B 227 22.67 -27.42 -14.46
C VAL B 227 22.34 -27.74 -13.01
N PHE B 228 23.31 -27.49 -12.12
CA PHE B 228 23.19 -27.89 -10.72
C PHE B 228 22.78 -26.71 -9.85
N THR B 229 21.62 -26.82 -9.22
CA THR B 229 21.15 -25.77 -8.31
C THR B 229 21.17 -26.24 -6.86
N GLY B 230 21.87 -27.35 -6.61
CA GLY B 230 22.07 -27.82 -5.25
C GLY B 230 23.32 -27.18 -4.67
N CYS B 231 23.75 -27.66 -3.51
CA CYS B 231 24.95 -27.12 -2.86
C CYS B 231 26.20 -27.45 -3.67
N ILE B 232 26.98 -26.43 -4.00
CA ILE B 232 28.18 -26.63 -4.81
C ILE B 232 29.24 -27.46 -4.09
N ASP B 233 29.35 -27.29 -2.78
CA ASP B 233 30.33 -28.06 -2.02
C ASP B 233 29.93 -29.53 -1.96
N ALA B 234 28.63 -29.79 -1.90
CA ALA B 234 28.11 -31.16 -1.87
C ALA B 234 28.36 -31.87 -3.20
N TYR B 235 28.28 -31.12 -4.30
CA TYR B 235 28.54 -31.66 -5.62
C TYR B 235 29.97 -32.21 -5.70
N TYR B 236 30.89 -31.49 -5.07
CA TYR B 236 32.29 -31.89 -5.08
C TYR B 236 32.67 -32.68 -3.84
N ASP B 237 31.69 -33.38 -3.28
CA ASP B 237 31.89 -34.28 -2.14
C ASP B 237 32.58 -33.62 -0.95
N TYR B 238 32.33 -32.33 -0.77
CA TYR B 238 32.91 -31.55 0.32
C TYR B 238 34.43 -31.72 0.39
N ARG B 239 35.09 -31.67 -0.76
CA ARG B 239 36.53 -31.85 -0.85
C ARG B 239 37.29 -30.90 0.10
N TYR B 240 36.79 -29.68 0.21
CA TYR B 240 37.46 -28.65 1.00
C TYR B 240 36.73 -28.35 2.30
N GLY B 241 35.63 -29.04 2.55
CA GLY B 241 34.84 -28.81 3.74
C GLY B 241 33.46 -28.30 3.39
N ALA B 242 32.59 -28.20 4.39
CA ALA B 242 31.21 -27.79 4.17
C ALA B 242 31.00 -26.30 4.37
N LEU B 243 30.33 -25.67 3.40
CA LEU B 243 29.95 -24.26 3.50
C LEU B 243 28.91 -24.13 4.61
N GLU B 244 29.14 -23.17 5.51
CA GLU B 244 28.29 -23.03 6.70
C GLU B 244 27.00 -22.29 6.41
N TYR B 245 25.93 -22.76 7.03
CA TYR B 245 24.61 -22.16 6.92
C TYR B 245 23.98 -22.03 8.29
N ARG B 246 22.92 -21.24 8.37
CA ARG B 246 22.00 -21.29 9.49
C ARG B 246 20.71 -21.92 8.98
N SER B 247 19.98 -22.60 9.84
CA SER B 247 18.80 -23.32 9.40
C SER B 247 17.53 -22.87 10.13
N LEU B 248 16.40 -23.39 9.67
CA LEU B 248 15.11 -23.08 10.27
C LEU B 248 14.26 -24.35 10.38
N LYS B 249 13.37 -24.36 11.36
CA LYS B 249 12.38 -25.42 11.50
C LYS B 249 11.00 -24.79 11.65
N PHE B 250 10.06 -25.23 10.84
CA PHE B 250 8.70 -24.70 10.89
C PHE B 250 7.74 -25.70 11.52
N GLU B 251 6.96 -25.22 12.49
CA GLU B 251 5.88 -26.02 13.05
C GLU B 251 4.56 -25.49 12.53
N HIS B 252 3.98 -26.20 11.56
CA HIS B 252 2.72 -25.78 10.95
C HIS B 252 1.55 -26.24 11.79
N LYS B 253 0.64 -25.33 12.08
CA LYS B 253 -0.51 -25.63 12.92
C LYS B 253 -1.82 -25.17 12.28
N ILE B 254 -2.86 -26.00 12.40
CA ILE B 254 -4.18 -25.64 11.90
C ILE B 254 -5.12 -25.32 13.06
N LEU B 255 -5.68 -24.12 13.03
CA LEU B 255 -6.57 -23.67 14.09
C LEU B 255 -7.98 -23.49 13.57
N ASN B 256 -8.98 -23.77 14.40
CA ASN B 256 -10.38 -23.61 14.01
C ASN B 256 -10.90 -22.21 14.30
N LEU B 257 -10.24 -21.21 13.74
CA LEU B 257 -10.68 -19.83 13.81
C LEU B 257 -10.24 -19.08 12.55
N ASP B 258 -10.93 -18.01 12.21
CA ASP B 258 -10.73 -17.35 10.92
C ASP B 258 -9.55 -16.38 10.90
N ASN B 259 -9.09 -15.96 12.07
CA ASN B 259 -8.07 -14.91 12.14
C ASN B 259 -7.27 -14.96 13.44
N PHE B 260 -6.07 -15.53 13.37
CA PHE B 260 -5.24 -15.75 14.56
C PHE B 260 -4.53 -14.50 15.06
N GLN B 261 -3.88 -13.76 14.17
CA GLN B 261 -3.04 -12.65 14.59
C GLN B 261 -3.28 -11.35 13.80
N GLY B 262 -4.15 -11.42 12.80
CA GLY B 262 -4.55 -10.22 12.08
C GLY B 262 -3.52 -9.63 11.15
N VAL B 263 -2.48 -10.41 10.83
CA VAL B 263 -1.45 -9.99 9.90
C VAL B 263 -0.62 -11.20 9.47
N ALA B 264 -0.09 -11.16 8.26
CA ALA B 264 0.65 -12.30 7.72
C ALA B 264 1.90 -12.64 8.53
N VAL B 265 2.65 -11.62 8.94
CA VAL B 265 3.92 -11.85 9.59
C VAL B 265 4.04 -11.13 10.94
N VAL B 266 4.25 -11.91 12.00
CA VAL B 266 4.54 -11.35 13.32
C VAL B 266 5.93 -11.77 13.79
N ASN B 267 6.80 -10.79 14.03
CA ASN B 267 8.12 -11.07 14.56
C ASN B 267 8.11 -11.06 16.09
N TYR B 268 8.72 -12.08 16.69
CA TYR B 268 8.88 -12.12 18.14
C TYR B 268 10.30 -11.75 18.52
N THR B 269 10.46 -10.54 19.05
CA THR B 269 11.77 -9.92 19.19
C THR B 269 12.38 -10.00 20.60
N ASP B 270 11.68 -10.62 21.54
CA ASP B 270 12.31 -10.91 22.83
C ASP B 270 12.84 -12.35 22.82
N LYS B 271 13.95 -12.57 23.51
CA LYS B 271 14.65 -13.85 23.43
C LYS B 271 13.92 -14.98 24.16
N GLU B 272 13.01 -14.63 25.06
CA GLU B 272 12.31 -15.61 25.87
C GLU B 272 11.42 -16.53 25.02
N ILE B 273 10.71 -15.93 24.07
CA ILE B 273 9.89 -16.69 23.13
C ILE B 273 10.79 -17.45 22.15
N PRO B 274 10.65 -18.78 22.08
CA PRO B 274 11.55 -19.64 21.30
C PRO B 274 11.51 -19.41 19.79
N TYR B 275 10.33 -19.18 19.22
CA TYR B 275 10.23 -18.91 17.78
C TYR B 275 10.52 -17.44 17.46
N THR B 276 11.05 -17.21 16.26
CA THR B 276 11.36 -15.85 15.83
C THR B 276 10.15 -15.20 15.16
N ARG B 277 9.33 -16.02 14.51
CA ARG B 277 8.16 -15.51 13.79
C ARG B 277 6.97 -16.45 13.90
N ILE B 278 5.78 -15.89 13.73
CA ILE B 278 4.60 -16.69 13.42
C ILE B 278 4.01 -16.15 12.12
N ILE B 279 3.82 -17.03 11.16
CA ILE B 279 3.27 -16.66 9.86
C ILE B 279 1.83 -17.14 9.73
N GLU B 280 0.90 -16.22 9.50
CA GLU B 280 -0.48 -16.60 9.21
C GLU B 280 -0.74 -16.46 7.71
N HIS B 281 -0.70 -17.60 7.02
CA HIS B 281 -0.61 -17.64 5.56
C HIS B 281 -1.80 -17.07 4.81
N LYS B 282 -3.00 -17.16 5.38
CA LYS B 282 -4.21 -16.74 4.68
C LYS B 282 -4.22 -15.24 4.37
N HIS B 283 -3.44 -14.47 5.12
CA HIS B 283 -3.40 -13.03 4.96
C HIS B 283 -2.59 -12.60 3.72
N PHE B 284 -1.79 -13.52 3.19
CA PHE B 284 -1.04 -13.25 1.97
C PHE B 284 -1.97 -13.06 0.78
N GLU B 285 -3.11 -13.76 0.81
CA GLU B 285 -4.08 -13.64 -0.27
C GLU B 285 -5.45 -13.22 0.27
N PHE B 286 -5.42 -12.51 1.40
CA PHE B 286 -6.62 -11.96 2.03
C PHE B 286 -7.72 -13.00 2.23
N GLY B 287 -7.36 -14.10 2.91
CA GLY B 287 -8.24 -15.24 3.07
C GLY B 287 -9.54 -14.94 3.81
N ASN B 288 -10.58 -15.71 3.49
CA ASN B 288 -11.90 -15.50 4.08
C ASN B 288 -12.50 -16.76 4.70
N THR B 289 -11.73 -17.85 4.72
CA THR B 289 -12.23 -19.11 5.26
C THR B 289 -12.37 -19.06 6.78
N ASP B 290 -12.96 -20.11 7.35
CA ASP B 290 -13.26 -20.15 8.79
C ASP B 290 -12.16 -20.82 9.62
N THR B 291 -11.15 -21.35 8.93
CA THR B 291 -9.99 -21.91 9.62
C THR B 291 -8.73 -21.18 9.17
N THR B 292 -7.64 -21.36 9.92
CA THR B 292 -6.39 -20.71 9.57
C THR B 292 -5.19 -21.61 9.79
N VAL B 293 -4.20 -21.49 8.92
CA VAL B 293 -2.95 -22.22 9.08
C VAL B 293 -1.84 -21.25 9.47
N ILE B 294 -1.23 -21.48 10.62
CA ILE B 294 -0.11 -20.67 11.05
C ILE B 294 1.16 -21.50 11.12
N SER B 295 2.31 -20.83 11.10
CA SER B 295 3.59 -21.52 11.20
C SER B 295 4.52 -20.81 12.17
N GLU B 296 4.92 -21.52 13.22
CA GLU B 296 5.94 -21.03 14.14
C GLU B 296 7.31 -21.26 13.52
N GLU B 297 8.07 -20.20 13.31
CA GLU B 297 9.38 -20.31 12.71
C GLU B 297 10.47 -20.36 13.78
N TYR B 298 11.18 -21.48 13.84
CA TYR B 298 12.24 -21.67 14.82
C TYR B 298 13.62 -21.64 14.17
N PRO B 299 14.57 -20.93 14.80
CA PRO B 299 15.97 -21.07 14.39
C PRO B 299 16.40 -22.50 14.69
N LEU B 300 17.05 -23.16 13.74
CA LEU B 300 17.47 -24.53 13.92
C LEU B 300 18.97 -24.67 13.77
N GLU B 301 19.60 -25.38 14.70
CA GLU B 301 21.04 -25.58 14.65
C GLU B 301 21.43 -26.30 13.37
N TRP B 302 22.40 -25.72 12.65
CA TRP B 302 22.83 -26.31 11.39
C TRP B 302 24.14 -27.07 11.55
N ILE B 303 24.14 -28.30 11.06
CA ILE B 303 25.37 -29.03 10.82
C ILE B 303 25.30 -29.50 9.38
N LYS B 304 26.40 -30.11 8.91
CA LYS B 304 26.44 -30.68 7.57
C LYS B 304 25.27 -31.62 7.34
N GLY B 305 24.53 -31.40 6.27
CA GLY B 305 23.38 -32.24 5.96
C GLY B 305 22.04 -31.61 6.29
N ILE B 306 22.05 -30.67 7.24
CA ILE B 306 20.83 -29.96 7.63
C ILE B 306 20.41 -28.98 6.53
N GLU B 307 19.10 -28.79 6.37
CA GLU B 307 18.54 -27.85 5.40
C GLU B 307 19.22 -26.48 5.47
N PRO B 308 19.86 -26.07 4.36
CA PRO B 308 20.58 -24.80 4.26
C PRO B 308 19.66 -23.62 3.95
N TYR B 309 19.40 -22.78 4.95
CA TYR B 309 18.56 -21.61 4.76
C TYR B 309 19.36 -20.33 4.51
N TYR B 310 20.16 -19.92 5.49
CA TYR B 310 20.93 -18.69 5.39
C TYR B 310 22.43 -18.93 5.40
N PRO B 311 23.12 -18.57 4.30
CA PRO B 311 24.58 -18.67 4.26
C PRO B 311 25.22 -17.68 5.22
N ILE B 312 26.35 -18.05 5.80
CA ILE B 312 27.04 -17.19 6.76
C ILE B 312 27.77 -16.05 6.04
N ASN B 313 28.42 -16.40 4.93
CA ASN B 313 29.13 -15.42 4.10
C ASN B 313 30.22 -14.63 4.82
N ASP B 314 30.84 -15.24 5.82
CA ASP B 314 31.97 -14.61 6.48
C ASP B 314 33.25 -14.91 5.70
N GLU B 315 34.39 -14.41 6.18
CA GLU B 315 35.65 -14.56 5.46
C GLU B 315 36.04 -16.03 5.24
N LYS B 316 35.90 -16.84 6.28
CA LYS B 316 36.26 -18.25 6.19
C LYS B 316 35.46 -18.98 5.12
N ASN B 317 34.15 -18.74 5.09
CA ASN B 317 33.27 -19.43 4.15
C ASN B 317 33.34 -18.89 2.73
N GLN B 318 33.68 -17.61 2.57
CA GLN B 318 33.86 -17.04 1.24
C GLN B 318 35.14 -17.59 0.61
N ALA B 319 36.18 -17.75 1.44
CA ALA B 319 37.41 -18.36 1.00
C ALA B 319 37.15 -19.81 0.59
N LEU B 320 36.25 -20.46 1.33
CA LEU B 320 35.86 -21.83 1.03
C LEU B 320 35.09 -21.90 -0.29
N TYR B 321 34.15 -20.99 -0.48
CA TYR B 321 33.35 -20.96 -1.70
C TYR B 321 34.21 -20.72 -2.93
N GLU B 322 35.21 -19.84 -2.78
CA GLU B 322 36.09 -19.50 -3.90
C GLU B 322 36.89 -20.71 -4.38
N LYS B 323 37.23 -21.60 -3.46
CA LYS B 323 37.89 -22.85 -3.82
C LYS B 323 36.99 -23.69 -4.73
N TYR B 324 35.72 -23.81 -4.33
CA TYR B 324 34.76 -24.58 -5.10
C TYR B 324 34.41 -23.89 -6.43
N LYS B 325 34.39 -22.57 -6.41
CA LYS B 325 34.12 -21.80 -7.61
C LYS B 325 35.20 -22.06 -8.66
N GLN B 326 36.44 -22.15 -8.20
CA GLN B 326 37.57 -22.44 -9.09
C GLN B 326 37.46 -23.81 -9.73
N LEU B 327 37.01 -24.79 -8.95
CA LEU B 327 36.76 -26.13 -9.47
C LEU B 327 35.71 -26.10 -10.56
N ALA B 328 34.65 -25.32 -10.33
CA ALA B 328 33.53 -25.23 -11.25
C ALA B 328 33.93 -24.65 -12.61
N LYS B 329 34.92 -23.75 -12.59
CA LYS B 329 35.38 -23.10 -13.81
C LYS B 329 36.18 -24.05 -14.71
N HIS B 330 36.54 -25.20 -14.15
CA HIS B 330 37.28 -26.20 -14.90
C HIS B 330 36.40 -27.42 -15.20
N GLU B 331 35.19 -27.41 -14.65
CA GLU B 331 34.26 -28.51 -14.85
C GLU B 331 33.48 -28.32 -16.14
N SER B 332 33.86 -29.08 -17.17
CA SER B 332 33.23 -28.96 -18.47
C SER B 332 31.81 -29.52 -18.49
N ASN B 333 30.92 -28.82 -19.19
CA ASN B 333 29.52 -29.23 -19.34
C ASN B 333 28.71 -29.29 -18.03
N VAL B 334 29.22 -28.63 -16.99
CA VAL B 334 28.49 -28.53 -15.73
C VAL B 334 28.44 -27.09 -15.26
N TYR B 335 27.24 -26.60 -14.98
CA TYR B 335 27.04 -25.22 -14.57
C TYR B 335 26.35 -25.16 -13.21
N PHE B 336 26.74 -24.18 -12.39
CA PHE B 336 26.15 -24.00 -11.07
C PHE B 336 25.38 -22.69 -11.00
N GLY B 337 24.18 -22.73 -10.43
CA GLY B 337 23.36 -21.55 -10.31
C GLY B 337 22.45 -21.60 -9.09
N GLY B 338 21.79 -20.49 -8.81
CA GLY B 338 20.88 -20.42 -7.68
C GLY B 338 21.58 -20.11 -6.37
N ARG B 339 20.79 -19.99 -5.31
CA ARG B 339 21.30 -19.63 -3.99
C ARG B 339 22.28 -20.66 -3.45
N LEU B 340 22.05 -21.94 -3.77
CA LEU B 340 22.85 -23.02 -3.23
C LEU B 340 24.08 -23.28 -4.08
N GLY B 341 23.93 -23.15 -5.39
CA GLY B 341 25.03 -23.34 -6.31
C GLY B 341 26.06 -22.22 -6.21
N GLU B 342 25.64 -21.08 -5.71
CA GLU B 342 26.52 -19.91 -5.65
C GLU B 342 26.76 -19.41 -4.22
N TYR B 343 26.25 -20.15 -3.24
CA TYR B 343 26.42 -19.83 -1.82
C TYR B 343 26.12 -18.36 -1.52
N ARG B 344 24.91 -17.95 -1.88
CA ARG B 344 24.52 -16.55 -1.70
C ARG B 344 23.03 -16.47 -1.41
N TYR B 345 22.64 -15.56 -0.51
CA TYR B 345 21.23 -15.29 -0.33
C TYR B 345 20.74 -14.49 -1.52
N TYR B 346 19.70 -14.98 -2.15
CA TYR B 346 19.11 -14.29 -3.29
C TYR B 346 17.64 -14.00 -3.02
N ASP B 347 17.21 -12.78 -3.30
CA ASP B 347 15.80 -12.48 -3.39
C ASP B 347 15.28 -13.24 -4.61
N MET B 348 13.98 -13.47 -4.68
CA MET B 348 13.41 -14.16 -5.83
C MET B 348 13.68 -13.41 -7.13
N GLN B 349 13.64 -12.08 -7.06
CA GLN B 349 13.94 -11.24 -8.21
C GLN B 349 15.38 -11.43 -8.68
N ASP B 350 16.29 -11.58 -7.72
CA ASP B 350 17.70 -11.78 -8.04
C ASP B 350 17.90 -13.08 -8.82
N VAL B 351 17.21 -14.13 -8.40
CA VAL B 351 17.29 -15.43 -9.07
C VAL B 351 16.74 -15.35 -10.48
N VAL B 352 15.61 -14.66 -10.65
CA VAL B 352 15.01 -14.46 -11.96
C VAL B 352 16.01 -13.76 -12.89
N ARG B 353 16.59 -12.67 -12.40
CA ARG B 353 17.61 -11.94 -13.15
C ARG B 353 18.80 -12.84 -13.44
N SER B 354 19.23 -13.59 -12.44
CA SER B 354 20.38 -14.49 -12.58
C SER B 354 20.09 -15.63 -13.54
N ALA B 355 18.90 -16.22 -13.43
CA ALA B 355 18.52 -17.33 -14.29
C ALA B 355 18.44 -16.92 -15.74
N LEU B 356 17.76 -15.80 -15.99
CA LEU B 356 17.58 -15.29 -17.36
C LEU B 356 18.91 -14.92 -18.00
N LEU B 357 19.81 -14.34 -17.22
CA LEU B 357 21.12 -13.97 -17.74
C LEU B 357 21.92 -15.20 -18.14
N PHE B 358 21.77 -16.28 -17.37
CA PHE B 358 22.40 -17.54 -17.73
C PHE B 358 21.75 -18.14 -18.98
N CYS B 359 20.43 -17.98 -19.08
CA CYS B 359 19.69 -18.44 -20.24
C CYS B 359 20.12 -17.68 -21.50
N LYS B 360 20.42 -16.41 -21.32
CA LYS B 360 20.88 -15.56 -22.42
C LYS B 360 22.18 -16.08 -23.02
N ASN B 361 23.10 -16.49 -22.17
CA ASN B 361 24.43 -16.91 -22.60
C ASN B 361 24.51 -18.37 -22.99
N GLU B 362 23.56 -19.18 -22.53
CA GLU B 362 23.59 -20.62 -22.76
C GLU B 362 22.62 -21.05 -23.85
N LEU B 363 21.47 -20.40 -23.91
CA LEU B 363 20.43 -20.75 -24.88
C LEU B 363 20.45 -19.81 -26.08
#